data_1FIU
#
_entry.id   1FIU
#
_cell.length_a   90.400
_cell.length_b   91.130
_cell.length_c   149.520
_cell.angle_alpha   90.00
_cell.angle_beta   90.00
_cell.angle_gamma   90.00
#
_symmetry.space_group_name_H-M   'P 21 21 21'
#
loop_
_entity.id
_entity.type
_entity.pdbx_description
1 polymer "DNA (5'-D(*TP*GP*CP*G)-3')"
2 polymer "DNA (5'-D(P*CP*CP*GP*GP*CP*GP*C)-3')"
3 polymer 'TYPE II RESTRICTION ENZYME NGOMI'
4 non-polymer 'MAGNESIUM ION'
5 non-polymer 'ACETIC ACID'
6 water water
#
loop_
_entity_poly.entity_id
_entity_poly.type
_entity_poly.pdbx_seq_one_letter_code
_entity_poly.pdbx_strand_id
1 'polydeoxyribonucleotide' (DT)(DG)(DC)(DG) E,F,G,H
2 'polydeoxyribonucleotide' (DC)(DC)(DG)(DG)(DC)(DG)(DC) I,J,K,L
3 'polypeptide(L)'
;MQPLFTQERRIFHKKLLDGNILATNNRGVVSNADGSNTRSFNIAKGIADLLHSETVSERLPGQTSGNAFEAICSEFVQSA
FEKLQHIRPGDWNVKQVGSRNRLEIARYQQYAHLTALAKAAEENPELAAALGSDYTITPDIIVTRNLIADAEINRNEFLV
DENIATYASLRAGNGNMPLLHASISCKWTIRSDRAQNARSEGLNLVRNRKGRLPHIVVVTAEPTPSRISSIALGTGEIDC
VYHFALYELEQILQSLNYEDALDLFYIMVNGKRLKDISDLPLDLAV
;
A,B,C,D
#
# COMPACT_ATOMS: atom_id res chain seq x y z
N MET I 1 -12.08 -26.18 39.08
CA MET I 1 -12.07 -24.68 38.99
C MET I 1 -11.66 -24.29 37.58
N GLN I 2 -12.63 -23.98 36.74
CA GLN I 2 -12.33 -23.55 35.38
C GLN I 2 -11.95 -22.07 35.48
N PRO I 3 -10.85 -21.66 34.83
CA PRO I 3 -10.47 -20.25 34.91
C PRO I 3 -11.56 -19.35 34.33
N LEU I 4 -11.54 -18.07 34.66
CA LEU I 4 -12.60 -17.18 34.18
C LEU I 4 -12.70 -17.01 32.69
N PHE I 5 -11.58 -17.05 31.96
CA PHE I 5 -11.68 -16.90 30.52
C PHE I 5 -12.35 -18.14 29.90
N THR I 6 -12.22 -19.29 30.56
CA THR I 6 -12.87 -20.50 30.06
C THR I 6 -14.37 -20.34 30.33
N GLN I 7 -14.71 -19.80 31.49
CA GLN I 7 -16.11 -19.58 31.84
C GLN I 7 -16.73 -18.57 30.86
N GLU I 8 -15.99 -17.52 30.54
CA GLU I 8 -16.50 -16.51 29.61
C GLU I 8 -16.70 -17.09 28.21
N ARG I 9 -15.78 -17.97 27.79
CA ARG I 9 -15.88 -18.60 26.48
C ARG I 9 -17.14 -19.47 26.42
N ARG I 10 -17.44 -20.16 27.52
CA ARG I 10 -18.64 -21.00 27.54
C ARG I 10 -19.90 -20.14 27.52
N ILE I 11 -19.87 -19.00 28.21
CA ILE I 11 -21.01 -18.10 28.21
C ILE I 11 -21.26 -17.59 26.80
N PHE I 12 -20.17 -17.30 26.08
CA PHE I 12 -20.23 -16.82 24.70
C PHE I 12 -20.96 -17.89 23.84
N HIS I 13 -20.54 -19.14 23.95
CA HIS I 13 -21.18 -20.21 23.18
C HIS I 13 -22.65 -20.38 23.57
N LYS I 14 -22.92 -20.30 24.86
CA LYS I 14 -24.29 -20.46 25.34
C LYS I 14 -25.23 -19.41 24.77
N LYS I 15 -24.77 -18.17 24.61
CA LYS I 15 -25.61 -17.14 24.03
C LYS I 15 -25.95 -17.48 22.57
N LEU I 16 -24.98 -18.03 21.87
CA LEU I 16 -25.19 -18.40 20.48
C LEU I 16 -26.21 -19.54 20.43
N LEU I 17 -26.15 -20.46 21.39
CA LEU I 17 -27.10 -21.57 21.41
C LEU I 17 -28.49 -21.10 21.84
N ASP I 18 -28.56 -20.37 22.95
CA ASP I 18 -29.85 -19.91 23.46
C ASP I 18 -30.61 -19.02 22.47
N GLY I 19 -29.90 -18.25 21.66
CA GLY I 19 -30.56 -17.40 20.70
C GLY I 19 -30.86 -18.11 19.39
N ASN I 20 -30.53 -19.40 19.34
CA ASN I 20 -30.72 -20.21 18.13
C ASN I 20 -29.87 -19.69 16.96
N ILE I 21 -28.80 -18.96 17.26
CA ILE I 21 -27.90 -18.44 16.22
C ILE I 21 -27.19 -19.65 15.66
N LEU I 22 -26.71 -20.49 16.58
CA LEU I 22 -26.06 -21.76 16.24
C LEU I 22 -27.07 -22.85 16.61
N ALA I 23 -27.58 -23.57 15.62
CA ALA I 23 -28.56 -24.63 15.88
C ALA I 23 -28.58 -25.56 14.68
N THR I 24 -29.48 -26.54 14.69
CA THR I 24 -29.57 -27.51 13.59
C THR I 24 -30.98 -27.47 13.03
N ASN I 25 -31.15 -27.48 11.71
CA ASN I 25 -32.52 -27.48 11.19
C ASN I 25 -33.06 -28.90 11.08
N ASN I 26 -34.30 -29.04 10.63
CA ASN I 26 -34.89 -30.38 10.54
C ASN I 26 -34.37 -31.29 9.42
N ARG I 27 -33.35 -30.83 8.69
CA ARG I 27 -32.72 -31.64 7.63
C ARG I 27 -31.29 -31.96 8.08
N GLY I 28 -30.98 -31.63 9.33
CA GLY I 28 -29.69 -31.93 9.87
C GLY I 28 -28.55 -30.96 9.59
N VAL I 29 -28.85 -29.83 8.96
CA VAL I 29 -27.82 -28.85 8.63
C VAL I 29 -27.59 -27.85 9.77
N VAL I 30 -26.36 -27.73 10.24
CA VAL I 30 -26.05 -26.79 11.32
C VAL I 30 -25.99 -25.40 10.69
N SER I 31 -26.47 -24.40 11.43
CA SER I 31 -26.62 -23.04 10.91
C SER I 31 -25.41 -22.25 10.46
N ASN I 32 -24.20 -22.72 10.71
CA ASN I 32 -23.05 -21.99 10.19
C ASN I 32 -22.41 -22.82 9.05
N ALA I 33 -23.08 -23.91 8.67
CA ALA I 33 -22.58 -24.76 7.59
C ALA I 33 -23.12 -24.35 6.22
N ASP I 34 -22.43 -24.81 5.18
CA ASP I 34 -22.84 -24.59 3.80
C ASP I 34 -23.30 -26.02 3.44
N GLY I 35 -24.61 -26.26 3.42
CA GLY I 35 -25.13 -27.60 3.14
C GLY I 35 -24.74 -28.28 1.84
N SER I 36 -24.20 -27.52 0.90
CA SER I 36 -23.82 -28.07 -0.39
C SER I 36 -22.43 -28.68 -0.35
N ASN I 37 -21.79 -28.59 0.82
CA ASN I 37 -20.43 -29.11 0.94
C ASN I 37 -20.33 -30.10 2.08
N THR I 38 -19.97 -31.34 1.72
CA THR I 38 -19.84 -32.44 2.67
C THR I 38 -18.95 -32.11 3.86
N ARG I 39 -17.76 -31.56 3.58
CA ARG I 39 -16.86 -31.26 4.67
C ARG I 39 -17.40 -30.12 5.56
N SER I 40 -17.99 -29.08 4.95
CA SER I 40 -18.55 -27.99 5.77
C SER I 40 -19.64 -28.55 6.68
N PHE I 41 -20.55 -29.32 6.07
CA PHE I 41 -21.65 -29.95 6.80
C PHE I 41 -21.16 -30.77 7.98
N ASN I 42 -20.19 -31.65 7.74
CA ASN I 42 -19.66 -32.50 8.81
C ASN I 42 -18.84 -31.78 9.86
N ILE I 43 -18.04 -30.80 9.43
CA ILE I 43 -17.23 -30.05 10.39
C ILE I 43 -18.17 -29.26 11.32
N ALA I 44 -19.13 -28.56 10.75
CA ALA I 44 -20.06 -27.76 11.55
C ALA I 44 -20.86 -28.62 12.54
N LYS I 45 -21.26 -29.80 12.09
CA LYS I 45 -22.02 -30.71 12.95
C LYS I 45 -21.15 -31.17 14.11
N GLY I 46 -19.90 -31.53 13.82
CA GLY I 46 -19.00 -31.97 14.86
C GLY I 46 -18.78 -30.86 15.89
N ILE I 47 -18.59 -29.64 15.41
CA ILE I 47 -18.36 -28.53 16.33
C ILE I 47 -19.60 -28.29 17.22
N ALA I 48 -20.78 -28.29 16.61
CA ALA I 48 -22.00 -28.06 17.37
C ALA I 48 -22.18 -29.17 18.42
N ASP I 49 -21.80 -30.40 18.08
CA ASP I 49 -21.92 -31.50 19.05
C ASP I 49 -20.99 -31.22 20.25
N LEU I 50 -19.76 -30.79 19.94
CA LEU I 50 -18.80 -30.50 20.97
C LEU I 50 -19.24 -29.30 21.82
N LEU I 51 -20.16 -28.51 21.30
CA LEU I 51 -20.68 -27.34 22.01
C LEU I 51 -21.99 -27.68 22.72
N HIS I 52 -22.40 -28.94 22.61
CA HIS I 52 -23.62 -29.45 23.20
C HIS I 52 -24.90 -28.81 22.66
N SER I 53 -24.90 -28.47 21.37
CA SER I 53 -26.08 -27.88 20.75
C SER I 53 -27.12 -28.98 20.63
N GLU I 54 -28.36 -28.69 21.01
CA GLU I 54 -29.41 -29.70 20.93
C GLU I 54 -30.66 -29.20 20.22
N THR I 55 -30.79 -27.89 20.15
CA THR I 55 -31.96 -27.28 19.55
C THR I 55 -32.12 -27.49 18.05
N VAL I 56 -33.35 -27.77 17.65
CA VAL I 56 -33.66 -27.93 16.23
C VAL I 56 -34.52 -26.75 15.88
N SER I 57 -34.08 -25.97 14.92
CA SER I 57 -34.86 -24.82 14.48
C SER I 57 -34.40 -24.41 13.09
N GLU I 58 -35.24 -23.67 12.39
CA GLU I 58 -34.91 -23.21 11.05
C GLU I 58 -33.75 -22.22 11.14
N ARG I 59 -32.90 -22.25 10.12
CA ARG I 59 -31.76 -21.35 10.01
C ARG I 59 -32.29 -19.91 10.06
N LEU I 60 -31.67 -19.07 10.88
CA LEU I 60 -32.12 -17.69 10.96
C LEU I 60 -31.71 -16.93 9.71
N PRO I 61 -32.42 -15.86 9.38
CA PRO I 61 -32.08 -15.04 8.23
C PRO I 61 -30.65 -14.55 8.46
N GLY I 62 -29.85 -14.49 7.39
CA GLY I 62 -28.47 -14.03 7.53
C GLY I 62 -28.31 -12.67 8.20
N GLN I 63 -29.23 -11.76 7.99
CA GLN I 63 -29.14 -10.44 8.63
C GLN I 63 -29.25 -10.59 10.17
N THR I 64 -30.07 -11.53 10.60
CA THR I 64 -30.25 -11.78 12.02
C THR I 64 -29.01 -12.41 12.65
N SER I 65 -28.48 -13.45 12.03
CA SER I 65 -27.30 -14.08 12.59
C SER I 65 -26.09 -13.13 12.53
N GLY I 66 -26.00 -12.36 11.45
CA GLY I 66 -24.90 -11.41 11.30
C GLY I 66 -24.90 -10.42 12.45
N ASN I 67 -26.06 -9.80 12.67
CA ASN I 67 -26.18 -8.83 13.76
C ASN I 67 -26.01 -9.43 15.16
N ALA I 68 -26.63 -10.58 15.40
CA ALA I 68 -26.54 -11.23 16.69
C ALA I 68 -25.13 -11.67 17.00
N PHE I 69 -24.39 -12.13 15.99
CA PHE I 69 -23.02 -12.58 16.20
C PHE I 69 -22.17 -11.37 16.61
N GLU I 70 -22.41 -10.22 15.99
CA GLU I 70 -21.65 -9.02 16.35
C GLU I 70 -21.93 -8.68 17.82
N ALA I 71 -23.21 -8.68 18.19
CA ALA I 71 -23.57 -8.33 19.55
C ALA I 71 -22.96 -9.26 20.60
N ILE I 72 -23.05 -10.56 20.36
CA ILE I 72 -22.52 -11.55 21.28
C ILE I 72 -20.97 -11.47 21.36
N CYS I 73 -20.33 -11.23 20.21
CA CYS I 73 -18.87 -11.07 20.22
C CYS I 73 -18.50 -9.85 21.05
N SER I 74 -19.27 -8.77 20.90
CA SER I 74 -19.02 -7.53 21.64
C SER I 74 -19.09 -7.75 23.15
N GLU I 75 -20.13 -8.47 23.58
CA GLU I 75 -20.31 -8.74 25.01
C GLU I 75 -19.18 -9.57 25.59
N PHE I 76 -18.72 -10.56 24.83
CA PHE I 76 -17.62 -11.40 25.27
C PHE I 76 -16.35 -10.56 25.42
N VAL I 77 -16.08 -9.71 24.42
CA VAL I 77 -14.88 -8.90 24.48
C VAL I 77 -14.93 -7.92 25.65
N GLN I 78 -16.08 -7.26 25.80
CA GLN I 78 -16.25 -6.32 26.90
C GLN I 78 -16.00 -6.98 28.25
N SER I 79 -16.64 -8.12 28.48
CA SER I 79 -16.52 -8.82 29.75
C SER I 79 -15.13 -9.37 30.05
N ALA I 80 -14.47 -9.99 29.08
CA ALA I 80 -13.16 -10.54 29.32
C ALA I 80 -12.06 -9.46 29.42
N PHE I 81 -12.13 -8.45 28.55
CA PHE I 81 -11.10 -7.40 28.56
C PHE I 81 -11.13 -6.60 29.86
N GLU I 82 -12.33 -6.47 30.41
CA GLU I 82 -12.51 -5.75 31.67
C GLU I 82 -11.65 -6.34 32.79
N LYS I 83 -11.35 -7.64 32.70
CA LYS I 83 -10.55 -8.32 33.72
C LYS I 83 -9.04 -8.14 33.56
N LEU I 84 -8.64 -7.42 32.52
CA LEU I 84 -7.22 -7.23 32.26
C LEU I 84 -6.72 -5.80 32.58
N GLN I 85 -7.46 -5.08 33.40
CA GLN I 85 -7.08 -3.71 33.76
C GLN I 85 -5.67 -3.58 34.36
N HIS I 86 -5.17 -4.64 35.02
CA HIS I 86 -3.83 -4.57 35.61
C HIS I 86 -2.71 -4.73 34.59
N ILE I 87 -3.01 -5.30 33.43
CA ILE I 87 -1.96 -5.41 32.42
C ILE I 87 -2.17 -4.41 31.28
N ARG I 88 -3.36 -3.80 31.22
CA ARG I 88 -3.68 -2.79 30.20
C ARG I 88 -4.76 -1.85 30.76
N PRO I 89 -4.36 -1.01 31.70
CA PRO I 89 -5.27 -0.05 32.33
C PRO I 89 -5.85 0.98 31.40
N GLY I 90 -7.03 1.50 31.75
CA GLY I 90 -7.65 2.54 30.93
C GLY I 90 -9.14 2.59 31.13
N ASP I 91 -9.78 3.64 30.63
CA ASP I 91 -11.22 3.81 30.71
C ASP I 91 -11.68 3.33 29.33
N TRP I 92 -11.97 2.03 29.23
CA TRP I 92 -12.32 1.41 27.95
C TRP I 92 -13.79 1.26 27.64
N ASN I 93 -14.15 1.39 26.37
CA ASN I 93 -15.53 1.21 25.96
C ASN I 93 -15.51 0.22 24.81
N VAL I 94 -16.48 -0.69 24.80
CA VAL I 94 -16.56 -1.67 23.73
C VAL I 94 -17.95 -1.57 23.15
N LYS I 95 -18.08 -1.41 21.84
CA LYS I 95 -19.42 -1.33 21.31
C LYS I 95 -19.62 -1.76 19.89
N GLN I 96 -20.82 -2.30 19.66
CA GLN I 96 -21.22 -2.74 18.35
C GLN I 96 -21.60 -1.42 17.68
N VAL I 97 -21.02 -1.15 16.53
CA VAL I 97 -21.28 0.11 15.87
C VAL I 97 -22.60 0.27 15.14
N GLY I 98 -22.83 -0.55 14.13
CA GLY I 98 -24.06 -0.45 13.36
C GLY I 98 -23.85 0.45 12.14
N SER I 99 -24.02 -0.12 10.94
CA SER I 99 -23.84 0.62 9.68
C SER I 99 -24.48 2.01 9.68
N ARG I 100 -25.39 2.23 10.63
CA ARG I 100 -26.09 3.50 10.79
C ARG I 100 -25.10 4.63 11.09
N ASN I 101 -23.94 4.27 11.62
CA ASN I 101 -22.91 5.23 12.00
C ASN I 101 -21.88 5.63 10.94
N ARG I 102 -22.27 6.52 10.04
CA ARG I 102 -21.34 6.99 9.01
C ARG I 102 -20.45 8.00 9.73
N LEU I 103 -19.14 7.91 9.48
CA LEU I 103 -18.19 8.82 10.11
C LEU I 103 -18.08 8.58 11.62
N GLU I 104 -18.54 7.43 12.10
CA GLU I 104 -18.42 7.12 13.53
C GLU I 104 -16.92 7.12 13.88
N ILE I 105 -16.08 6.59 12.98
CA ILE I 105 -14.65 6.58 13.27
C ILE I 105 -14.03 7.96 13.38
N ALA I 106 -14.69 8.97 12.80
CA ALA I 106 -14.14 10.34 12.89
C ALA I 106 -14.36 10.93 14.28
N ARG I 107 -15.05 10.20 15.15
CA ARG I 107 -15.23 10.69 16.51
C ARG I 107 -13.98 10.34 17.32
N TYR I 108 -13.04 9.62 16.70
CA TYR I 108 -11.83 9.21 17.40
C TYR I 108 -10.61 9.91 16.85
N GLN I 109 -9.68 10.14 17.75
CA GLN I 109 -8.50 10.91 17.43
C GLN I 109 -7.74 10.63 16.15
N GLN I 110 -7.39 9.37 15.91
CA GLN I 110 -6.61 9.07 14.73
C GLN I 110 -7.30 9.29 13.41
N TYR I 111 -8.62 9.45 13.42
CA TYR I 111 -9.37 9.64 12.16
C TYR I 111 -10.30 10.87 12.17
N ALA I 112 -10.12 11.75 13.14
CA ALA I 112 -11.00 12.92 13.25
C ALA I 112 -10.97 13.82 12.02
N HIS I 113 -9.85 13.84 11.29
CA HIS I 113 -9.75 14.66 10.10
C HIS I 113 -10.65 14.24 8.95
N LEU I 114 -11.22 13.03 9.01
CA LEU I 114 -12.09 12.59 7.94
C LEU I 114 -13.36 13.46 7.89
N THR I 115 -13.73 14.04 9.03
CA THR I 115 -14.91 14.94 9.06
C THR I 115 -14.62 16.16 8.19
N ALA I 116 -13.43 16.72 8.32
CA ALA I 116 -13.07 17.89 7.53
C ALA I 116 -13.02 17.55 6.04
N LEU I 117 -12.47 16.39 5.73
CA LEU I 117 -12.38 15.94 4.33
C LEU I 117 -13.78 15.81 3.74
N ALA I 118 -14.65 15.13 4.47
CA ALA I 118 -16.02 14.92 4.05
C ALA I 118 -16.72 16.26 3.85
N LYS I 119 -16.55 17.19 4.80
CA LYS I 119 -17.18 18.51 4.70
C LYS I 119 -16.66 19.30 3.51
N ALA I 120 -15.38 19.15 3.21
CA ALA I 120 -14.80 19.87 2.08
C ALA I 120 -15.27 19.28 0.74
N ALA I 121 -15.39 17.96 0.69
CA ALA I 121 -15.84 17.26 -0.52
C ALA I 121 -17.30 17.61 -0.84
N GLU I 122 -18.12 17.76 0.19
CA GLU I 122 -19.53 18.08 -0.04
C GLU I 122 -19.67 19.44 -0.71
N GLU I 123 -18.56 19.93 -1.26
CA GLU I 123 -18.55 21.22 -1.94
C GLU I 123 -17.53 21.18 -3.07
N ASN I 124 -16.86 20.05 -3.24
CA ASN I 124 -15.86 19.93 -4.27
C ASN I 124 -15.71 18.58 -4.99
N PRO I 125 -16.16 18.54 -6.25
CA PRO I 125 -16.17 17.43 -7.23
C PRO I 125 -14.99 16.43 -7.24
N GLU I 126 -13.92 16.69 -8.00
CA GLU I 126 -12.80 15.75 -8.07
C GLU I 126 -12.09 15.57 -6.74
N LEU I 127 -12.60 16.27 -5.73
CA LEU I 127 -12.07 16.13 -4.39
C LEU I 127 -12.75 14.83 -3.99
N ALA I 128 -14.04 14.75 -4.32
CA ALA I 128 -14.86 13.59 -4.01
C ALA I 128 -14.44 12.36 -4.81
N ALA I 129 -14.17 12.54 -6.10
CA ALA I 129 -13.77 11.41 -6.94
C ALA I 129 -12.44 10.81 -6.49
N ALA I 130 -11.50 11.68 -6.12
CA ALA I 130 -10.16 11.28 -5.71
C ALA I 130 -10.09 10.71 -4.28
N LEU I 131 -10.77 11.36 -3.35
CA LEU I 131 -10.78 10.93 -1.96
C LEU I 131 -11.65 9.68 -1.77
N GLY I 132 -12.75 9.62 -2.51
CA GLY I 132 -13.63 8.48 -2.39
C GLY I 132 -14.60 8.69 -1.24
N SER I 133 -15.20 7.60 -0.77
CA SER I 133 -16.15 7.67 0.34
C SER I 133 -15.97 6.43 1.22
N ASP I 134 -15.11 5.52 0.79
CA ASP I 134 -14.84 4.32 1.55
C ASP I 134 -14.11 4.73 2.83
N TYR I 135 -13.38 5.85 2.77
CA TYR I 135 -12.67 6.34 3.94
C TYR I 135 -13.73 6.45 5.03
N THR I 136 -14.97 6.29 4.60
CA THR I 136 -16.11 6.26 5.49
C THR I 136 -16.04 4.80 5.96
N ILE I 137 -15.12 4.56 6.88
CA ILE I 137 -14.88 3.24 7.45
C ILE I 137 -15.88 3.04 8.60
N THR I 138 -16.48 1.87 8.66
CA THR I 138 -17.47 1.59 9.71
C THR I 138 -17.23 0.19 10.26
N PRO I 139 -16.32 0.04 11.24
CA PRO I 139 -16.06 -1.29 11.80
C PRO I 139 -17.32 -1.89 12.42
N ASP I 140 -17.36 -3.20 12.56
CA ASP I 140 -18.53 -3.84 13.16
C ASP I 140 -18.58 -3.56 14.65
N ILE I 141 -17.42 -3.70 15.30
CA ILE I 141 -17.25 -3.48 16.73
C ILE I 141 -16.00 -2.63 16.95
N ILE I 142 -16.07 -1.69 17.88
CA ILE I 142 -14.87 -0.93 18.16
C ILE I 142 -14.61 -0.93 19.65
N VAL I 143 -13.33 -0.82 20.00
CA VAL I 143 -12.91 -0.67 21.39
C VAL I 143 -12.24 0.70 21.40
N THR I 144 -12.59 1.54 22.36
CA THR I 144 -12.01 2.88 22.44
C THR I 144 -11.48 3.16 23.84
N ARG I 145 -10.56 4.12 23.93
CA ARG I 145 -9.94 4.51 25.21
C ARG I 145 -10.23 5.98 25.45
N ASN I 146 -10.85 6.29 26.59
CA ASN I 146 -11.12 7.67 26.95
C ASN I 146 -9.83 8.32 27.42
N LEU I 147 -9.76 9.64 27.30
CA LEU I 147 -8.56 10.36 27.68
C LEU I 147 -8.38 10.45 29.18
N ILE I 148 -7.19 10.84 29.62
CA ILE I 148 -6.91 10.88 31.04
C ILE I 148 -6.52 12.23 31.61
N ALA I 149 -6.81 12.40 32.89
CA ALA I 149 -6.50 13.65 33.56
C ALA I 149 -5.02 13.78 33.86
N ASP I 150 -4.57 15.02 34.00
CA ASP I 150 -3.17 15.25 34.35
C ASP I 150 -2.85 14.60 35.70
N ALA I 151 -3.83 14.57 36.62
CA ALA I 151 -3.61 13.96 37.92
C ALA I 151 -3.39 12.44 37.84
N GLU I 152 -3.92 11.81 36.79
CA GLU I 152 -3.73 10.37 36.59
C GLU I 152 -2.30 10.17 36.06
N ILE I 153 -1.92 11.00 35.11
CA ILE I 153 -0.55 10.92 34.56
C ILE I 153 0.41 11.16 35.72
N ASN I 154 0.06 12.12 36.58
CA ASN I 154 0.92 12.49 37.70
C ASN I 154 0.62 11.72 38.99
N ARG I 155 -0.11 10.61 38.88
CA ARG I 155 -0.49 9.90 40.09
C ARG I 155 0.61 9.62 41.09
N ASN I 156 1.78 9.22 40.61
CA ASN I 156 2.88 8.91 41.52
C ASN I 156 3.98 9.97 41.62
N GLU I 157 4.15 10.76 40.56
CA GLU I 157 5.20 11.76 40.49
C GLU I 157 4.70 12.93 39.65
N PHE I 158 5.26 14.11 39.88
CA PHE I 158 4.88 15.30 39.13
C PHE I 158 5.59 15.25 37.76
N LEU I 159 4.91 14.66 36.77
CA LEU I 159 5.47 14.47 35.42
C LEU I 159 5.16 15.59 34.43
N VAL I 160 3.93 16.10 34.46
CA VAL I 160 3.56 17.15 33.51
C VAL I 160 2.71 18.29 34.11
N ASP I 161 2.80 19.45 33.45
CA ASP I 161 1.95 20.59 33.77
C ASP I 161 1.43 21.08 32.42
N GLU I 162 0.82 22.27 32.35
CA GLU I 162 0.25 22.74 31.08
C GLU I 162 1.21 23.23 30.00
N ASN I 163 2.51 23.27 30.31
CA ASN I 163 3.49 23.76 29.37
C ASN I 163 4.47 22.73 28.81
N ILE I 164 4.19 21.45 29.03
CA ILE I 164 5.06 20.36 28.54
C ILE I 164 4.16 19.25 28.01
N ALA I 165 4.62 18.49 27.00
CA ALA I 165 3.82 17.38 26.45
C ALA I 165 2.41 17.84 26.14
N THR I 166 2.34 19.00 25.51
CA THR I 166 1.06 19.64 25.23
C THR I 166 0.21 19.08 24.11
N TYR I 167 0.78 18.16 23.32
CA TYR I 167 0.04 17.56 22.21
C TYR I 167 -0.14 16.06 22.41
N ALA I 168 0.23 15.56 23.58
CA ALA I 168 0.13 14.11 23.87
C ALA I 168 -1.32 13.66 23.66
N SER I 169 -1.48 12.60 22.87
CA SER I 169 -2.81 12.10 22.58
C SER I 169 -3.69 11.74 23.78
N LEU I 170 -3.08 11.24 24.85
CA LEU I 170 -3.86 10.82 26.01
C LEU I 170 -4.38 11.95 26.84
N ARG I 171 -3.89 13.16 26.63
CA ARG I 171 -4.34 14.24 27.51
C ARG I 171 -5.69 14.81 27.14
N ALA I 172 -6.56 14.82 28.14
CA ALA I 172 -7.92 15.32 27.99
C ALA I 172 -7.93 16.84 27.85
N GLY I 173 -8.86 17.35 27.04
CA GLY I 173 -8.99 18.79 26.88
C GLY I 173 -8.39 19.56 25.70
N ASN I 174 -7.38 19.03 25.00
CA ASN I 174 -6.78 19.76 23.87
C ASN I 174 -7.84 19.95 22.79
N GLY I 175 -9.10 19.72 23.15
CA GLY I 175 -10.20 19.80 22.21
C GLY I 175 -10.19 18.38 21.63
N ASN I 176 -9.39 17.57 22.29
CA ASN I 176 -9.15 16.19 21.93
C ASN I 176 -10.26 15.15 22.18
N MET I 177 -10.26 14.11 21.35
CA MET I 177 -11.25 13.04 21.36
C MET I 177 -10.70 11.70 21.86
N PRO I 178 -11.60 10.72 22.11
CA PRO I 178 -11.12 9.41 22.58
C PRO I 178 -10.29 8.75 21.49
N LEU I 179 -9.52 7.75 21.89
CA LEU I 179 -8.65 7.01 20.96
C LEU I 179 -9.30 5.70 20.52
N LEU I 180 -9.14 5.36 19.23
CA LEU I 180 -9.68 4.11 18.71
C LEU I 180 -8.62 3.03 19.04
N HIS I 181 -8.99 2.06 19.87
CA HIS I 181 -8.06 1.01 20.28
C HIS I 181 -8.09 -0.17 19.33
N ALA I 182 -9.29 -0.54 18.89
CA ALA I 182 -9.44 -1.70 18.02
C ALA I 182 -10.64 -1.67 17.10
N SER I 183 -10.45 -2.28 15.93
CA SER I 183 -11.50 -2.49 14.93
C SER I 183 -11.65 -4.01 14.92
N ILE I 184 -12.84 -4.48 15.26
CA ILE I 184 -13.11 -5.91 15.30
C ILE I 184 -14.21 -6.20 14.29
N SER I 185 -13.84 -6.83 13.20
CA SER I 185 -14.77 -7.19 12.15
C SER I 185 -15.28 -8.62 12.45
N CYS I 186 -16.59 -8.84 12.30
CA CYS I 186 -17.19 -10.15 12.55
C CYS I 186 -17.79 -10.73 11.26
N LYS I 187 -17.65 -12.04 11.09
CA LYS I 187 -18.25 -12.72 9.94
C LYS I 187 -18.80 -14.05 10.44
N TRP I 188 -20.12 -14.19 10.49
CA TRP I 188 -20.74 -15.42 11.00
C TRP I 188 -20.28 -16.59 10.12
N THR I 189 -20.34 -16.38 8.81
CA THR I 189 -19.81 -17.36 7.84
C THR I 189 -19.03 -16.56 6.81
N ILE I 190 -18.30 -17.27 5.95
CA ILE I 190 -17.49 -16.63 4.94
C ILE I 190 -17.73 -17.19 3.51
N ARG I 191 -17.66 -16.31 2.51
CA ARG I 191 -17.58 -16.72 1.11
C ARG I 191 -16.31 -15.91 0.75
N SER I 192 -15.41 -16.49 -0.02
CA SER I 192 -14.15 -15.81 -0.30
C SER I 192 -14.24 -14.46 -1.01
N ASP I 193 -15.34 -14.18 -1.70
CA ASP I 193 -15.47 -12.90 -2.36
C ASP I 193 -15.83 -11.79 -1.39
N ARG I 194 -16.93 -12.00 -0.66
CA ARG I 194 -17.40 -10.99 0.29
C ARG I 194 -16.49 -10.82 1.52
N ALA I 195 -15.60 -11.77 1.78
CA ALA I 195 -14.74 -11.63 2.95
C ALA I 195 -13.65 -10.58 2.75
N GLN I 196 -13.41 -10.20 1.50
CA GLN I 196 -12.34 -9.24 1.22
C GLN I 196 -12.61 -7.83 1.68
N ASN I 197 -13.84 -7.53 2.07
CA ASN I 197 -14.09 -6.17 2.57
C ASN I 197 -13.35 -5.96 3.91
N ALA I 198 -12.92 -7.05 4.60
CA ALA I 198 -12.14 -6.90 5.84
C ALA I 198 -10.76 -6.33 5.45
N ARG I 199 -10.26 -6.73 4.29
CA ARG I 199 -8.98 -6.22 3.83
C ARG I 199 -9.05 -4.77 3.40
N SER I 200 -10.10 -4.39 2.67
CA SER I 200 -10.17 -3.01 2.23
C SER I 200 -10.41 -2.07 3.41
N GLU I 201 -11.20 -2.52 4.39
CA GLU I 201 -11.45 -1.68 5.57
C GLU I 201 -10.14 -1.56 6.35
N GLY I 202 -9.38 -2.66 6.47
CA GLY I 202 -8.11 -2.59 7.17
C GLY I 202 -7.15 -1.64 6.48
N LEU I 203 -7.11 -1.65 5.14
CA LEU I 203 -6.20 -0.75 4.44
C LEU I 203 -6.59 0.69 4.61
N ASN I 204 -7.89 0.98 4.71
CA ASN I 204 -8.31 2.35 4.92
C ASN I 204 -7.86 2.83 6.31
N LEU I 205 -7.92 1.95 7.31
CA LEU I 205 -7.49 2.32 8.65
C LEU I 205 -5.97 2.58 8.65
N VAL I 206 -5.25 1.76 7.87
CA VAL I 206 -3.80 1.95 7.77
C VAL I 206 -3.44 3.26 7.08
N ARG I 207 -4.00 3.46 5.90
CA ARG I 207 -3.69 4.62 5.07
C ARG I 207 -4.05 5.98 5.59
N ASN I 208 -5.09 6.05 6.41
CA ASN I 208 -5.58 7.35 6.88
C ASN I 208 -5.30 7.74 8.32
N ARG I 209 -4.55 6.92 9.03
CA ARG I 209 -4.31 7.19 10.45
C ARG I 209 -3.34 8.32 10.78
N LYS I 210 -3.60 8.95 11.93
CA LYS I 210 -2.69 9.95 12.49
C LYS I 210 -2.54 9.38 13.90
N GLY I 211 -1.41 8.74 14.16
CA GLY I 211 -1.18 8.13 15.45
C GLY I 211 -1.00 6.61 15.26
N ARG I 212 -0.94 5.84 16.36
CA ARG I 212 -0.74 4.39 16.25
C ARG I 212 -1.98 3.69 15.67
N LEU I 213 -1.72 2.74 14.78
CA LEU I 213 -2.80 1.98 14.17
C LEU I 213 -3.52 1.17 15.22
N PRO I 214 -4.87 1.14 15.16
CA PRO I 214 -5.65 0.35 16.12
C PRO I 214 -5.39 -1.13 15.84
N HIS I 215 -5.78 -1.99 16.78
CA HIS I 215 -5.77 -3.43 16.51
C HIS I 215 -6.77 -3.57 15.35
N ILE I 216 -6.50 -4.47 14.40
CA ILE I 216 -7.41 -4.73 13.28
C ILE I 216 -7.52 -6.26 13.25
N VAL I 217 -8.68 -6.77 13.68
CA VAL I 217 -8.85 -8.22 13.74
C VAL I 217 -10.19 -8.66 13.17
N VAL I 218 -10.32 -9.95 12.90
CA VAL I 218 -11.56 -10.50 12.38
C VAL I 218 -11.94 -11.68 13.25
N VAL I 219 -13.22 -11.78 13.61
CA VAL I 219 -13.70 -12.94 14.40
C VAL I 219 -14.72 -13.64 13.50
N THR I 220 -14.63 -14.97 13.42
CA THR I 220 -15.54 -15.68 12.53
C THR I 220 -16.03 -17.02 13.07
N ALA I 221 -17.20 -17.46 12.61
CA ALA I 221 -17.71 -18.76 13.02
C ALA I 221 -17.69 -19.68 11.79
N GLU I 222 -17.00 -19.27 10.73
CA GLU I 222 -16.91 -20.11 9.51
C GLU I 222 -16.28 -21.46 9.89
N PRO I 223 -16.92 -22.58 9.50
CA PRO I 223 -16.32 -23.87 9.88
C PRO I 223 -15.14 -24.40 9.05
N THR I 224 -15.04 -23.99 7.79
CA THR I 224 -13.98 -24.54 6.96
C THR I 224 -12.66 -23.78 6.88
N PRO I 225 -11.54 -24.51 7.05
CA PRO I 225 -10.23 -23.86 6.98
C PRO I 225 -10.03 -23.15 5.64
N SER I 226 -10.55 -23.73 4.55
CA SER I 226 -10.37 -23.09 3.24
C SER I 226 -11.00 -21.71 3.20
N ARG I 227 -12.24 -21.58 3.68
CA ARG I 227 -12.88 -20.27 3.65
C ARG I 227 -12.24 -19.32 4.66
N ILE I 228 -11.85 -19.82 5.82
CA ILE I 228 -11.17 -18.98 6.79
C ILE I 228 -9.89 -18.42 6.15
N SER I 229 -9.17 -19.27 5.40
CA SER I 229 -7.90 -18.87 4.79
C SER I 229 -8.01 -17.70 3.81
N SER I 230 -9.20 -17.49 3.25
CA SER I 230 -9.39 -16.41 2.29
C SER I 230 -9.21 -15.03 2.94
N ILE I 231 -9.31 -14.95 4.27
CA ILE I 231 -9.04 -13.67 4.95
C ILE I 231 -7.83 -13.80 5.91
N ALA I 232 -7.57 -15.00 6.44
CA ALA I 232 -6.47 -15.18 7.38
C ALA I 232 -5.07 -15.21 6.76
N LEU I 233 -4.94 -15.80 5.58
CA LEU I 233 -3.60 -15.86 4.97
C LEU I 233 -3.13 -14.51 4.47
N GLY I 234 -1.82 -14.30 4.50
CA GLY I 234 -1.25 -13.06 4.03
C GLY I 234 -1.14 -12.07 5.18
N THR I 235 -0.39 -10.99 4.95
CA THR I 235 -0.20 -9.96 5.99
C THR I 235 -0.31 -8.58 5.39
N GLY I 236 -0.50 -7.59 6.26
CA GLY I 236 -0.56 -6.20 5.83
C GLY I 236 -1.86 -5.45 6.10
N GLU I 237 -2.95 -6.19 6.11
CA GLU I 237 -4.28 -5.58 6.35
C GLU I 237 -4.89 -5.99 7.68
N ILE I 238 -4.87 -7.29 7.94
CA ILE I 238 -5.45 -7.92 9.11
C ILE I 238 -4.38 -8.41 10.08
N ASP I 239 -4.48 -7.99 11.33
CA ASP I 239 -3.49 -8.40 12.34
C ASP I 239 -3.53 -9.91 12.58
N CYS I 240 -4.73 -10.44 12.79
CA CYS I 240 -4.93 -11.86 13.08
C CYS I 240 -6.43 -12.16 13.00
N VAL I 241 -6.79 -13.43 12.77
CA VAL I 241 -8.17 -13.85 12.71
C VAL I 241 -8.43 -14.74 13.93
N TYR I 242 -9.63 -14.66 14.50
CA TYR I 242 -9.97 -15.43 15.68
C TYR I 242 -11.22 -16.27 15.40
N HIS I 243 -11.14 -17.57 15.68
CA HIS I 243 -12.24 -18.49 15.41
C HIS I 243 -13.11 -18.65 16.66
N PHE I 244 -14.42 -18.68 16.45
CA PHE I 244 -15.36 -18.80 17.57
C PHE I 244 -15.27 -20.09 18.37
N ALA I 245 -14.65 -21.13 17.78
CA ALA I 245 -14.54 -22.42 18.46
C ALA I 245 -13.35 -23.16 17.91
N LEU I 246 -12.18 -22.60 18.12
CA LEU I 246 -10.98 -23.19 17.55
C LEU I 246 -10.64 -24.60 18.02
N TYR I 247 -10.74 -24.84 19.33
CA TYR I 247 -10.41 -26.15 19.90
C TYR I 247 -11.31 -27.24 19.32
N GLU I 248 -12.59 -26.92 19.19
CA GLU I 248 -13.55 -27.87 18.65
C GLU I 248 -13.30 -28.12 17.16
N LEU I 249 -12.95 -27.07 16.42
CA LEU I 249 -12.64 -27.21 15.00
C LEU I 249 -11.43 -28.15 14.87
N GLU I 250 -10.41 -27.93 15.69
CA GLU I 250 -9.21 -28.76 15.64
C GLU I 250 -9.53 -30.21 15.95
N GLN I 251 -10.38 -30.42 16.97
CA GLN I 251 -10.75 -31.79 17.37
C GLN I 251 -11.51 -32.51 16.26
N ILE I 252 -12.44 -31.81 15.61
CA ILE I 252 -13.21 -32.45 14.55
C ILE I 252 -12.34 -32.78 13.35
N LEU I 253 -11.48 -31.85 12.95
CA LEU I 253 -10.59 -32.13 11.83
C LEU I 253 -9.73 -33.36 12.14
N GLN I 254 -9.22 -33.44 13.36
CA GLN I 254 -8.39 -34.58 13.75
C GLN I 254 -9.19 -35.87 13.74
N SER I 255 -10.39 -35.83 14.32
CA SER I 255 -11.24 -37.01 14.40
C SER I 255 -11.59 -37.58 13.04
N LEU I 256 -12.01 -36.71 12.11
CA LEU I 256 -12.39 -37.13 10.76
C LEU I 256 -11.22 -37.35 9.80
N ASN I 257 -10.00 -37.07 10.25
CA ASN I 257 -8.82 -37.22 9.41
C ASN I 257 -8.95 -36.48 8.07
N TYR I 258 -9.37 -35.22 8.11
CA TYR I 258 -9.47 -34.40 6.89
C TYR I 258 -8.06 -33.79 6.80
N GLU I 259 -7.15 -34.57 6.24
CA GLU I 259 -5.75 -34.18 6.13
C GLU I 259 -5.41 -32.83 5.49
N ASP I 260 -6.03 -32.51 4.35
CA ASP I 260 -5.71 -31.23 3.71
C ASP I 260 -6.21 -30.07 4.59
N ALA I 261 -7.43 -30.17 5.07
CA ALA I 261 -7.98 -29.11 5.93
C ALA I 261 -7.11 -28.99 7.18
N LEU I 262 -6.63 -30.12 7.70
CA LEU I 262 -5.77 -30.11 8.87
C LEU I 262 -4.47 -29.37 8.56
N ASP I 263 -3.88 -29.68 7.42
CA ASP I 263 -2.64 -29.04 6.99
C ASP I 263 -2.84 -27.52 6.91
N LEU I 264 -3.97 -27.11 6.35
CA LEU I 264 -4.25 -25.68 6.19
C LEU I 264 -4.48 -25.03 7.54
N PHE I 265 -5.22 -25.73 8.40
CA PHE I 265 -5.49 -25.25 9.75
C PHE I 265 -4.17 -24.99 10.47
N TYR I 266 -3.23 -25.94 10.44
CA TYR I 266 -1.95 -25.70 11.12
C TYR I 266 -1.07 -24.65 10.45
N ILE I 267 -1.21 -24.47 9.14
CA ILE I 267 -0.43 -23.42 8.47
C ILE I 267 -0.88 -22.09 9.07
N MET I 268 -2.20 -21.94 9.22
CA MET I 268 -2.73 -20.70 9.79
C MET I 268 -2.45 -20.54 11.28
N VAL I 269 -2.60 -21.61 12.06
CA VAL I 269 -2.34 -21.50 13.49
C VAL I 269 -0.86 -21.39 13.81
N ASN I 270 -0.05 -22.26 13.23
CA ASN I 270 1.38 -22.17 13.49
C ASN I 270 1.97 -20.90 12.89
N GLY I 271 1.33 -20.42 11.83
CA GLY I 271 1.74 -19.23 11.11
C GLY I 271 1.21 -17.93 11.72
N LYS I 272 0.66 -18.03 12.91
CA LYS I 272 0.15 -16.86 13.63
C LYS I 272 -0.87 -16.05 12.86
N ARG I 273 -1.76 -16.73 12.13
CA ARG I 273 -2.81 -16.01 11.38
C ARG I 273 -4.19 -16.35 11.93
N LEU I 274 -4.25 -17.41 12.74
CA LEU I 274 -5.51 -17.86 13.31
C LEU I 274 -5.37 -18.31 14.77
N LYS I 275 -6.27 -17.82 15.62
CA LYS I 275 -6.27 -18.15 17.05
C LYS I 275 -7.71 -18.42 17.50
N ASP I 276 -7.90 -18.64 18.80
CA ASP I 276 -9.22 -18.92 19.34
C ASP I 276 -9.84 -17.61 19.86
N ILE I 277 -11.17 -17.56 19.94
CA ILE I 277 -11.85 -16.35 20.47
C ILE I 277 -11.28 -15.98 21.85
N SER I 278 -10.88 -16.98 22.65
CA SER I 278 -10.33 -16.71 23.99
C SER I 278 -8.97 -16.02 24.00
N ASP I 279 -8.29 -16.00 22.86
CA ASP I 279 -6.99 -15.33 22.76
C ASP I 279 -7.18 -13.84 22.51
N LEU I 280 -8.36 -13.46 22.05
CA LEU I 280 -8.60 -12.06 21.70
C LEU I 280 -8.47 -11.03 22.81
N PRO I 281 -9.13 -11.25 23.96
CA PRO I 281 -9.00 -10.25 25.04
C PRO I 281 -7.55 -9.98 25.42
N LEU I 282 -6.75 -11.03 25.59
CA LEU I 282 -5.34 -10.85 25.93
C LEU I 282 -4.55 -10.20 24.79
N ASP I 283 -4.88 -10.52 23.53
CA ASP I 283 -4.17 -9.91 22.41
C ASP I 283 -4.50 -8.40 22.34
N LEU I 284 -5.67 -8.00 22.84
CA LEU I 284 -6.03 -6.57 22.87
C LEU I 284 -5.27 -5.85 24.02
N ALA I 285 -4.55 -6.59 24.85
CA ALA I 285 -3.82 -5.96 25.95
C ALA I 285 -2.32 -5.73 25.67
N VAL I 286 -1.85 -6.01 24.46
CA VAL I 286 -0.41 -5.84 24.20
C VAL I 286 0.06 -4.38 24.31
N MET J 1 -24.18 6.16 -41.80
CA MET J 1 -23.63 4.94 -41.13
C MET J 1 -23.24 5.25 -39.69
N GLN J 2 -23.61 4.36 -38.78
CA GLN J 2 -23.24 4.56 -37.38
C GLN J 2 -21.83 4.00 -37.22
N PRO J 3 -21.01 4.64 -36.38
CA PRO J 3 -19.63 4.22 -36.12
C PRO J 3 -19.57 2.74 -35.72
N LEU J 4 -18.47 2.06 -36.03
CA LEU J 4 -18.36 0.65 -35.69
C LEU J 4 -18.38 0.37 -34.18
N PHE J 5 -17.92 1.31 -33.38
CA PHE J 5 -17.93 1.11 -31.93
C PHE J 5 -19.34 1.24 -31.42
N THR J 6 -20.13 2.10 -32.06
CA THR J 6 -21.52 2.25 -31.65
C THR J 6 -22.23 0.94 -31.99
N GLN J 7 -21.87 0.36 -33.13
CA GLN J 7 -22.43 -0.91 -33.56
C GLN J 7 -22.00 -2.03 -32.62
N GLU J 8 -20.75 -1.99 -32.16
CA GLU J 8 -20.25 -3.01 -31.24
C GLU J 8 -21.00 -2.94 -29.91
N ARG J 9 -21.26 -1.71 -29.45
CA ARG J 9 -21.97 -1.49 -28.20
C ARG J 9 -23.37 -2.08 -28.30
N ARG J 10 -24.00 -1.93 -29.45
CA ARG J 10 -25.35 -2.48 -29.65
C ARG J 10 -25.36 -4.02 -29.66
N ILE J 11 -24.36 -4.63 -30.30
CA ILE J 11 -24.23 -6.08 -30.34
C ILE J 11 -24.06 -6.59 -28.89
N PHE J 12 -23.26 -5.87 -28.10
CA PHE J 12 -22.99 -6.20 -26.69
C PHE J 12 -24.33 -6.28 -25.96
N HIS J 13 -25.10 -5.22 -26.05
CA HIS J 13 -26.42 -5.16 -25.44
C HIS J 13 -27.35 -6.26 -25.96
N LYS J 14 -27.36 -6.49 -27.28
CA LYS J 14 -28.21 -7.55 -27.85
C LYS J 14 -27.89 -8.92 -27.30
N LYS J 15 -26.63 -9.18 -27.00
CA LYS J 15 -26.30 -10.49 -26.47
C LYS J 15 -26.88 -10.64 -25.07
N LEU J 16 -26.87 -9.56 -24.29
CA LEU J 16 -27.40 -9.59 -22.94
C LEU J 16 -28.91 -9.85 -22.97
N LEU J 17 -29.58 -9.24 -23.95
CA LEU J 17 -31.03 -9.43 -24.11
C LEU J 17 -31.41 -10.80 -24.68
N ASP J 18 -30.73 -11.23 -25.74
CA ASP J 18 -31.05 -12.53 -26.34
C ASP J 18 -30.85 -13.69 -25.39
N GLY J 19 -29.92 -13.55 -24.44
CA GLY J 19 -29.69 -14.63 -23.51
C GLY J 19 -30.54 -14.51 -22.26
N ASN J 20 -31.42 -13.53 -22.25
CA ASN J 20 -32.29 -13.25 -21.11
C ASN J 20 -31.46 -12.88 -19.87
N ILE J 21 -30.22 -12.43 -20.08
CA ILE J 21 -29.36 -12.00 -18.96
C ILE J 21 -29.99 -10.73 -18.43
N LEU J 22 -30.29 -9.81 -19.34
CA LEU J 22 -30.98 -8.58 -18.99
C LEU J 22 -32.43 -8.78 -19.50
N ALA J 23 -33.39 -8.88 -18.57
CA ALA J 23 -34.81 -9.05 -18.92
C ALA J 23 -35.65 -8.49 -17.76
N THR J 24 -36.97 -8.63 -17.84
CA THR J 24 -37.86 -8.10 -16.78
C THR J 24 -38.76 -9.25 -16.38
N ASN J 25 -38.97 -9.46 -15.07
CA ASN J 25 -39.85 -10.57 -14.69
C ASN J 25 -41.31 -10.12 -14.70
N ASN J 26 -42.24 -11.04 -14.44
CA ASN J 26 -43.65 -10.67 -14.48
C ASN J 26 -44.13 -9.78 -13.35
N ARG J 27 -43.22 -9.38 -12.46
CA ARG J 27 -43.56 -8.46 -11.38
C ARG J 27 -42.97 -7.09 -11.72
N GLY J 28 -42.35 -6.98 -12.90
CA GLY J 28 -41.80 -5.70 -13.31
C GLY J 28 -40.38 -5.42 -12.88
N VAL J 29 -39.73 -6.40 -12.26
CA VAL J 29 -38.35 -6.20 -11.80
C VAL J 29 -37.35 -6.53 -12.91
N VAL J 30 -36.50 -5.56 -13.28
CA VAL J 30 -35.48 -5.81 -14.30
C VAL J 30 -34.36 -6.64 -13.62
N SER J 31 -33.79 -7.60 -14.36
CA SER J 31 -32.80 -8.54 -13.80
C SER J 31 -31.48 -8.02 -13.22
N ASN J 32 -31.18 -6.74 -13.38
CA ASN J 32 -29.95 -6.22 -12.75
C ASN J 32 -30.36 -5.30 -11.59
N ALA J 33 -31.66 -5.25 -11.28
CA ALA J 33 -32.15 -4.42 -10.18
C ALA J 33 -32.17 -5.17 -8.85
N ASP J 34 -32.30 -4.40 -7.78
CA ASP J 34 -32.46 -4.90 -6.41
C ASP J 34 -33.96 -4.60 -6.24
N GLY J 35 -34.79 -5.62 -6.40
CA GLY J 35 -36.24 -5.45 -6.34
C GLY J 35 -36.81 -4.76 -5.12
N SER J 36 -36.07 -4.80 -4.02
CA SER J 36 -36.50 -4.20 -2.75
C SER J 36 -36.23 -2.71 -2.67
N ASN J 37 -35.51 -2.20 -3.66
CA ASN J 37 -35.09 -0.81 -3.69
C ASN J 37 -35.81 -0.06 -4.79
N THR J 38 -36.70 0.85 -4.41
CA THR J 38 -37.48 1.61 -5.38
C THR J 38 -36.64 2.37 -6.41
N ARG J 39 -35.57 3.01 -5.95
CA ARG J 39 -34.70 3.73 -6.87
C ARG J 39 -34.00 2.76 -7.83
N SER J 40 -33.54 1.62 -7.29
CA SER J 40 -32.89 0.63 -8.13
C SER J 40 -33.88 0.10 -9.17
N PHE J 41 -35.06 -0.29 -8.70
CA PHE J 41 -36.13 -0.81 -9.57
C PHE J 41 -36.40 0.17 -10.73
N ASN J 42 -36.59 1.44 -10.40
CA ASN J 42 -36.90 2.43 -11.42
C ASN J 42 -35.77 2.72 -12.38
N ILE J 43 -34.55 2.85 -11.86
CA ILE J 43 -33.42 3.12 -12.74
C ILE J 43 -33.22 1.96 -13.69
N ALA J 44 -33.25 0.73 -13.16
CA ALA J 44 -33.07 -0.44 -14.01
C ALA J 44 -34.16 -0.51 -15.09
N LYS J 45 -35.40 -0.19 -14.74
CA LYS J 45 -36.48 -0.21 -15.73
C LYS J 45 -36.24 0.85 -16.80
N GLY J 46 -35.85 2.04 -16.36
CA GLY J 46 -35.57 3.12 -17.31
C GLY J 46 -34.51 2.71 -18.31
N ILE J 47 -33.42 2.12 -17.80
CA ILE J 47 -32.36 1.66 -18.70
C ILE J 47 -32.84 0.55 -19.65
N ALA J 48 -33.59 -0.42 -19.13
CA ALA J 48 -34.07 -1.53 -19.95
C ALA J 48 -34.91 -1.01 -21.12
N ASP J 49 -35.71 0.01 -20.87
CA ASP J 49 -36.54 0.55 -21.92
C ASP J 49 -35.67 1.17 -23.01
N LEU J 50 -34.64 1.89 -22.60
CA LEU J 50 -33.74 2.54 -23.56
C LEU J 50 -32.96 1.56 -24.40
N LEU J 51 -32.79 0.34 -23.91
CA LEU J 51 -32.10 -0.69 -24.66
C LEU J 51 -33.15 -1.48 -25.43
N HIS J 52 -34.40 -1.05 -25.32
CA HIS J 52 -35.53 -1.70 -26.00
C HIS J 52 -35.78 -3.14 -25.59
N SER J 53 -35.60 -3.43 -24.31
CA SER J 53 -35.81 -4.78 -23.78
C SER J 53 -37.32 -5.03 -23.74
N GLU J 54 -37.76 -6.18 -24.22
CA GLU J 54 -39.18 -6.48 -24.21
C GLU J 54 -39.47 -7.87 -23.65
N THR J 55 -38.45 -8.68 -23.43
CA THR J 55 -38.65 -10.03 -22.93
C THR J 55 -39.02 -10.10 -21.46
N VAL J 56 -40.04 -10.91 -21.17
CA VAL J 56 -40.50 -11.14 -19.81
C VAL J 56 -40.05 -12.55 -19.44
N SER J 57 -39.27 -12.67 -18.38
CA SER J 57 -38.78 -13.97 -17.94
C SER J 57 -38.28 -13.83 -16.52
N GLU J 58 -38.16 -14.95 -15.81
CA GLU J 58 -37.66 -14.91 -14.45
C GLU J 58 -36.17 -14.57 -14.47
N ARG J 59 -35.71 -13.93 -13.41
CA ARG J 59 -34.30 -13.58 -13.27
C ARG J 59 -33.48 -14.86 -13.36
N LEU J 60 -32.34 -14.80 -14.02
CA LEU J 60 -31.50 -15.99 -14.13
C LEU J 60 -30.72 -16.20 -12.82
N PRO J 61 -30.28 -17.45 -12.54
CA PRO J 61 -29.51 -17.66 -11.30
C PRO J 61 -28.30 -16.72 -11.37
N GLY J 62 -27.84 -16.23 -10.22
CA GLY J 62 -26.70 -15.33 -10.23
C GLY J 62 -25.43 -15.95 -10.82
N GLN J 63 -25.27 -17.26 -10.68
CA GLN J 63 -24.09 -17.90 -11.22
C GLN J 63 -24.14 -17.80 -12.75
N THR J 64 -25.34 -17.92 -13.31
CA THR J 64 -25.53 -17.85 -14.75
C THR J 64 -25.30 -16.47 -15.31
N SER J 65 -25.93 -15.45 -14.71
CA SER J 65 -25.74 -14.08 -15.18
C SER J 65 -24.28 -13.64 -14.99
N GLY J 66 -23.67 -14.06 -13.89
CA GLY J 66 -22.28 -13.70 -13.66
C GLY J 66 -21.35 -14.21 -14.76
N ASN J 67 -21.46 -15.49 -15.07
CA ASN J 67 -20.64 -16.10 -16.12
C ASN J 67 -20.95 -15.53 -17.49
N ALA J 68 -22.24 -15.35 -17.78
CA ALA J 68 -22.65 -14.84 -19.08
C ALA J 68 -22.14 -13.43 -19.27
N PHE J 69 -22.25 -12.61 -18.24
CA PHE J 69 -21.80 -11.22 -18.34
C PHE J 69 -20.29 -11.18 -18.65
N GLU J 70 -19.52 -12.06 -18.02
CA GLU J 70 -18.08 -12.13 -18.27
C GLU J 70 -17.83 -12.46 -19.75
N ALA J 71 -18.51 -13.50 -20.22
CA ALA J 71 -18.34 -13.95 -21.59
C ALA J 71 -18.68 -12.87 -22.60
N ILE J 72 -19.81 -12.22 -22.39
CA ILE J 72 -20.25 -11.16 -23.29
C ILE J 72 -19.33 -9.94 -23.27
N CYS J 73 -18.81 -9.58 -22.10
CA CYS J 73 -17.88 -8.46 -22.03
C CYS J 73 -16.58 -8.84 -22.77
N SER J 74 -16.14 -10.09 -22.62
CA SER J 74 -14.93 -10.54 -23.26
C SER J 74 -15.07 -10.44 -24.77
N GLU J 75 -16.21 -10.91 -25.30
CA GLU J 75 -16.44 -10.87 -26.74
C GLU J 75 -16.44 -9.42 -27.28
N PHE J 76 -17.01 -8.50 -26.53
CA PHE J 76 -17.06 -7.09 -26.94
C PHE J 76 -15.63 -6.52 -26.98
N VAL J 77 -14.87 -6.75 -25.91
CA VAL J 77 -13.51 -6.20 -25.88
C VAL J 77 -12.65 -6.77 -27.02
N GLN J 78 -12.77 -8.06 -27.24
CA GLN J 78 -11.97 -8.69 -28.29
C GLN J 78 -12.32 -8.11 -29.66
N SER J 79 -13.61 -8.00 -29.96
CA SER J 79 -14.03 -7.49 -31.25
C SER J 79 -13.66 -6.03 -31.49
N ALA J 80 -13.92 -5.17 -30.51
CA ALA J 80 -13.61 -3.75 -30.63
C ALA J 80 -12.11 -3.43 -30.60
N PHE J 81 -11.36 -4.08 -29.71
CA PHE J 81 -9.93 -3.80 -29.58
C PHE J 81 -9.16 -4.24 -30.84
N GLU J 82 -9.64 -5.29 -31.50
CA GLU J 82 -9.00 -5.80 -32.71
C GLU J 82 -8.94 -4.71 -33.79
N LYS J 83 -9.89 -3.79 -33.76
CA LYS J 83 -9.91 -2.72 -34.73
C LYS J 83 -8.94 -1.58 -34.45
N LEU J 84 -8.18 -1.69 -33.36
CA LEU J 84 -7.25 -0.62 -33.00
C LEU J 84 -5.78 -0.97 -33.21
N GLN J 85 -5.53 -1.99 -34.03
CA GLN J 85 -4.16 -2.42 -34.32
C GLN J 85 -3.24 -1.30 -34.81
N HIS J 86 -3.78 -0.29 -35.48
CA HIS J 86 -2.94 0.82 -35.98
C HIS J 86 -2.56 1.84 -34.89
N ILE J 87 -3.23 1.76 -33.74
CA ILE J 87 -2.99 2.64 -32.63
C ILE J 87 -2.23 1.86 -31.54
N ARG J 88 -2.40 0.55 -31.53
CA ARG J 88 -1.78 -0.33 -30.53
C ARG J 88 -1.55 -1.71 -31.14
N PRO J 89 -0.55 -1.82 -32.01
CA PRO J 89 -0.21 -3.08 -32.69
C PRO J 89 0.28 -4.17 -31.75
N GLY J 90 0.05 -5.41 -32.17
CA GLY J 90 0.47 -6.56 -31.39
C GLY J 90 -0.34 -7.80 -31.68
N ASP J 91 0.10 -8.91 -31.10
CA ASP J 91 -0.59 -10.18 -31.23
C ASP J 91 -1.31 -10.31 -29.88
N TRP J 92 -2.56 -9.86 -29.87
CA TRP J 92 -3.37 -9.84 -28.65
C TRP J 92 -4.34 -11.00 -28.47
N ASN J 93 -4.53 -11.41 -27.23
CA ASN J 93 -5.49 -12.47 -26.93
C ASN J 93 -6.39 -11.95 -25.80
N VAL J 94 -7.68 -12.21 -25.91
CA VAL J 94 -8.64 -11.78 -24.89
C VAL J 94 -9.35 -13.03 -24.44
N LYS J 95 -9.33 -13.34 -23.15
CA LYS J 95 -10.03 -14.53 -22.71
C LYS J 95 -10.60 -14.49 -21.32
N GLN J 96 -11.76 -15.13 -21.19
CA GLN J 96 -12.43 -15.23 -19.92
C GLN J 96 -11.67 -16.34 -19.19
N VAL J 97 -11.11 -16.02 -18.02
CA VAL J 97 -10.36 -17.02 -17.26
C VAL J 97 -11.30 -17.65 -16.26
N GLY J 98 -11.43 -18.97 -16.30
CA GLY J 98 -12.33 -19.57 -15.34
C GLY J 98 -11.80 -19.51 -13.93
N SER J 99 -12.70 -19.36 -12.96
CA SER J 99 -12.28 -19.36 -11.56
C SER J 99 -11.62 -20.74 -11.49
N ARG J 100 -11.83 -21.48 -12.58
CA ARG J 100 -11.31 -22.82 -12.81
C ARG J 100 -9.86 -22.71 -13.28
N ASN J 101 -9.12 -21.74 -12.75
CA ASN J 101 -7.72 -21.60 -13.17
C ASN J 101 -6.86 -20.69 -12.27
N ARG J 102 -6.34 -21.27 -11.19
CA ARG J 102 -5.47 -20.53 -10.28
C ARG J 102 -4.07 -20.55 -10.91
N LEU J 103 -3.30 -19.49 -10.69
CA LEU J 103 -1.96 -19.39 -11.25
C LEU J 103 -1.92 -19.30 -12.79
N GLU J 104 -3.05 -19.05 -13.42
CA GLU J 104 -3.04 -18.86 -14.88
C GLU J 104 -2.22 -17.57 -15.01
N ILE J 105 -2.36 -16.71 -14.01
CA ILE J 105 -1.65 -15.45 -13.98
C ILE J 105 -0.14 -15.59 -14.04
N ALA J 106 0.38 -16.70 -13.50
CA ALA J 106 1.82 -16.95 -13.50
C ALA J 106 2.33 -17.40 -14.87
N ARG J 107 1.40 -17.56 -15.82
CA ARG J 107 1.79 -17.91 -17.17
C ARG J 107 2.35 -16.66 -17.84
N TYR J 108 2.09 -15.48 -17.24
CA TYR J 108 2.54 -14.22 -17.83
C TYR J 108 3.77 -13.64 -17.18
N GLN J 109 4.57 -12.97 -18.01
CA GLN J 109 5.85 -12.44 -17.62
C GLN J 109 5.93 -11.68 -16.29
N GLN J 110 5.05 -10.72 -16.10
CA GLN J 110 5.14 -9.93 -14.87
C GLN J 110 4.88 -10.68 -13.57
N TYR J 111 4.26 -11.87 -13.66
CA TYR J 111 3.92 -12.62 -12.46
C TYR J 111 4.42 -14.06 -12.47
N ALA J 112 5.35 -14.36 -13.38
CA ALA J 112 5.87 -15.73 -13.52
C ALA J 112 6.50 -16.27 -12.24
N HIS J 113 7.10 -15.39 -11.47
CA HIS J 113 7.73 -15.78 -10.22
C HIS J 113 6.76 -16.31 -9.18
N LEU J 114 5.46 -16.10 -9.38
CA LEU J 114 4.51 -16.59 -8.40
C LEU J 114 4.52 -18.12 -8.34
N THR J 115 4.94 -18.77 -9.42
CA THR J 115 5.00 -20.24 -9.44
C THR J 115 6.09 -20.69 -8.46
N ALA J 116 7.22 -19.99 -8.49
CA ALA J 116 8.32 -20.35 -7.60
C ALA J 116 7.92 -20.08 -6.15
N LEU J 117 7.11 -19.06 -5.92
CA LEU J 117 6.68 -18.77 -4.55
C LEU J 117 5.74 -19.88 -4.08
N ALA J 118 4.87 -20.33 -4.97
CA ALA J 118 3.94 -21.38 -4.65
C ALA J 118 4.68 -22.69 -4.37
N LYS J 119 5.70 -23.01 -5.16
CA LYS J 119 6.43 -24.25 -4.91
C LYS J 119 7.22 -24.19 -3.61
N ALA J 120 7.78 -23.02 -3.33
CA ALA J 120 8.53 -22.83 -2.10
C ALA J 120 7.60 -23.05 -0.91
N ALA J 121 6.37 -22.56 -1.04
CA ALA J 121 5.40 -22.70 0.05
C ALA J 121 4.95 -24.15 0.20
N GLU J 122 4.88 -24.88 -0.91
CA GLU J 122 4.46 -26.26 -0.84
C GLU J 122 5.43 -27.15 -0.07
N GLU J 123 6.69 -26.73 0.03
CA GLU J 123 7.67 -27.52 0.74
C GLU J 123 8.07 -26.83 2.04
N ASN J 124 7.64 -25.57 2.16
CA ASN J 124 7.94 -24.80 3.34
C ASN J 124 6.63 -24.40 4.00
N PRO J 125 5.84 -25.39 4.44
CA PRO J 125 4.58 -25.08 5.10
C PRO J 125 4.97 -24.03 6.12
N GLU J 126 4.12 -23.02 6.28
CA GLU J 126 4.37 -21.92 7.21
C GLU J 126 4.57 -20.67 6.37
N LEU J 127 5.40 -20.77 5.34
CA LEU J 127 5.66 -19.64 4.45
C LEU J 127 4.34 -19.15 3.89
N ALA J 128 3.40 -20.07 3.71
CA ALA J 128 2.10 -19.75 3.16
C ALA J 128 1.35 -18.81 4.10
N ALA J 129 1.69 -18.88 5.38
CA ALA J 129 1.02 -18.04 6.36
C ALA J 129 1.34 -16.59 6.08
N ALA J 130 2.59 -16.34 5.71
CA ALA J 130 3.05 -14.98 5.42
C ALA J 130 2.81 -14.55 3.99
N LEU J 131 3.09 -15.44 3.05
CA LEU J 131 2.94 -15.12 1.65
C LEU J 131 1.48 -14.98 1.23
N GLY J 132 0.62 -15.74 1.88
CA GLY J 132 -0.79 -15.68 1.53
C GLY J 132 -1.05 -16.75 0.49
N SER J 133 -2.18 -16.65 -0.20
CA SER J 133 -2.55 -17.63 -1.21
C SER J 133 -3.32 -16.99 -2.37
N ASP J 134 -3.96 -15.86 -2.10
CA ASP J 134 -4.76 -15.17 -3.11
C ASP J 134 -3.93 -14.58 -4.25
N TYR J 135 -2.61 -14.49 -4.04
CA TYR J 135 -1.73 -13.96 -5.07
C TYR J 135 -1.83 -14.87 -6.29
N THR J 136 -2.54 -15.98 -6.11
CA THR J 136 -2.73 -16.93 -7.22
C THR J 136 -4.08 -16.65 -7.90
N ILE J 137 -4.81 -15.66 -7.41
CA ILE J 137 -6.12 -15.34 -7.99
C ILE J 137 -5.97 -14.73 -9.37
N THR J 138 -6.74 -15.28 -10.32
CA THR J 138 -6.71 -14.82 -11.69
C THR J 138 -7.97 -13.99 -11.95
N PRO J 139 -7.82 -12.90 -12.70
CA PRO J 139 -8.88 -11.95 -13.08
C PRO J 139 -10.01 -12.65 -13.83
N ASP J 140 -11.16 -12.01 -13.91
CA ASP J 140 -12.30 -12.59 -14.63
C ASP J 140 -11.99 -12.69 -16.13
N ILE J 141 -11.43 -11.63 -16.67
CA ILE J 141 -11.06 -11.62 -18.10
C ILE J 141 -9.65 -11.04 -18.18
N ILE J 142 -8.82 -11.59 -19.04
CA ILE J 142 -7.47 -11.03 -19.22
C ILE J 142 -7.23 -10.73 -20.68
N VAL J 143 -6.42 -9.72 -20.94
CA VAL J 143 -5.96 -9.40 -22.29
C VAL J 143 -4.46 -9.61 -22.19
N THR J 144 -3.89 -10.35 -23.13
CA THR J 144 -2.46 -10.64 -23.09
C THR J 144 -1.84 -10.31 -24.46
N ARG J 145 -0.51 -10.13 -24.47
CA ARG J 145 0.24 -9.82 -25.68
C ARG J 145 1.32 -10.86 -25.89
N ASN J 146 1.35 -11.49 -27.07
CA ASN J 146 2.41 -12.46 -27.33
C ASN J 146 3.69 -11.66 -27.59
N LEU J 147 4.83 -12.31 -27.40
CA LEU J 147 6.10 -11.64 -27.62
C LEU J 147 6.33 -11.38 -29.12
N ILE J 148 7.27 -10.50 -29.42
CA ILE J 148 7.56 -10.13 -30.81
C ILE J 148 8.87 -10.73 -31.35
N ALA J 149 8.86 -11.14 -32.62
CA ALA J 149 10.08 -11.70 -33.19
C ALA J 149 11.07 -10.58 -33.50
N ASP J 150 12.36 -10.89 -33.50
CA ASP J 150 13.35 -9.87 -33.83
C ASP J 150 13.10 -9.34 -35.24
N ALA J 151 12.53 -10.19 -36.10
CA ALA J 151 12.20 -9.81 -37.46
C ALA J 151 11.29 -8.57 -37.48
N GLU J 152 10.35 -8.50 -36.54
CA GLU J 152 9.43 -7.36 -36.48
C GLU J 152 10.10 -6.15 -35.82
N ILE J 153 10.91 -6.39 -34.79
CA ILE J 153 11.61 -5.27 -34.17
C ILE J 153 12.50 -4.63 -35.23
N ASN J 154 13.14 -5.48 -36.04
CA ASN J 154 14.03 -4.99 -37.11
C ASN J 154 13.33 -4.83 -38.47
N ARG J 155 12.02 -4.61 -38.47
CA ARG J 155 11.29 -4.49 -39.73
C ARG J 155 11.80 -3.44 -40.71
N ASN J 156 12.21 -2.28 -40.21
CA ASN J 156 12.66 -1.21 -41.07
C ASN J 156 14.14 -0.91 -40.98
N GLU J 157 14.73 -1.20 -39.83
CA GLU J 157 16.16 -0.94 -39.60
C GLU J 157 16.71 -2.06 -38.74
N PHE J 158 18.03 -2.22 -38.78
CA PHE J 158 18.70 -3.25 -37.99
C PHE J 158 18.94 -2.66 -36.60
N LEU J 159 17.96 -2.86 -35.72
CA LEU J 159 18.01 -2.31 -34.36
C LEU J 159 18.68 -3.17 -33.31
N VAL J 160 18.44 -4.48 -33.37
CA VAL J 160 18.98 -5.39 -32.38
C VAL J 160 19.50 -6.69 -32.95
N ASP J 161 20.43 -7.30 -32.20
CA ASP J 161 20.94 -8.63 -32.53
C ASP J 161 21.02 -9.34 -31.18
N GLU J 162 21.71 -10.47 -31.12
CA GLU J 162 21.73 -11.24 -29.88
C GLU J 162 22.64 -10.71 -28.75
N ASN J 163 23.34 -9.61 -29.00
CA ASN J 163 24.25 -9.08 -27.99
C ASN J 163 23.88 -7.71 -27.46
N ILE J 164 22.66 -7.29 -27.74
CA ILE J 164 22.20 -5.97 -27.26
C ILE J 164 20.74 -6.11 -26.85
N ALA J 165 20.29 -5.35 -25.85
CA ALA J 165 18.88 -5.41 -25.38
C ALA J 165 18.45 -6.87 -25.18
N THR J 166 19.30 -7.62 -24.48
CA THR J 166 19.09 -9.04 -24.29
C THR J 166 18.07 -9.47 -23.26
N TYR J 167 17.55 -8.53 -22.49
CA TYR J 167 16.58 -8.86 -21.48
C TYR J 167 15.26 -8.16 -21.74
N ALA J 168 15.13 -7.55 -22.92
CA ALA J 168 13.91 -6.81 -23.26
C ALA J 168 12.71 -7.75 -23.13
N SER J 169 11.67 -7.30 -22.42
CA SER J 169 10.49 -8.12 -22.19
C SER J 169 9.78 -8.58 -23.46
N LEU J 170 9.77 -7.76 -24.49
CA LEU J 170 9.05 -8.11 -25.71
C LEU J 170 9.75 -9.11 -26.59
N ARG J 171 11.03 -9.39 -26.32
CA ARG J 171 11.76 -10.33 -27.16
C ARG J 171 11.49 -11.77 -26.81
N ALA J 172 11.01 -12.48 -27.82
CA ALA J 172 10.70 -13.89 -27.73
C ALA J 172 12.05 -14.58 -27.58
N GLY J 173 12.59 -14.52 -26.37
CA GLY J 173 13.88 -15.11 -26.11
C GLY J 173 14.05 -15.75 -24.73
N ASN J 174 14.29 -14.94 -23.71
CA ASN J 174 14.52 -15.42 -22.34
C ASN J 174 13.45 -16.36 -21.76
N GLY J 175 13.12 -17.42 -22.50
CA GLY J 175 12.10 -18.35 -22.04
C GLY J 175 10.88 -17.54 -21.67
N ASN J 176 11.02 -16.23 -21.84
CA ASN J 176 10.00 -15.26 -21.53
C ASN J 176 8.63 -15.70 -22.03
N MET J 177 7.62 -15.37 -21.25
CA MET J 177 6.26 -15.73 -21.55
C MET J 177 5.54 -14.48 -22.05
N PRO J 178 4.29 -14.65 -22.51
CA PRO J 178 3.53 -13.49 -23.00
C PRO J 178 3.33 -12.50 -21.84
N LEU J 179 2.99 -11.26 -22.20
CA LEU J 179 2.76 -10.23 -21.22
C LEU J 179 1.28 -10.06 -20.86
N LEU J 180 1.00 -9.79 -19.60
CA LEU J 180 -0.38 -9.52 -19.18
C LEU J 180 -0.63 -8.03 -19.49
N HIS J 181 -1.60 -7.78 -20.34
CA HIS J 181 -1.95 -6.39 -20.73
C HIS J 181 -3.04 -5.80 -19.84
N ALA J 182 -4.07 -6.59 -19.54
CA ALA J 182 -5.16 -6.08 -18.72
C ALA J 182 -5.86 -7.12 -17.89
N SER J 183 -6.30 -6.67 -16.71
CA SER J 183 -7.10 -7.45 -15.79
C SER J 183 -8.46 -6.75 -15.86
N ILE J 184 -9.48 -7.50 -16.28
CA ILE J 184 -10.81 -6.92 -16.39
C ILE J 184 -11.74 -7.68 -15.46
N SER J 185 -12.16 -7.02 -14.39
CA SER J 185 -13.07 -7.61 -13.41
C SER J 185 -14.51 -7.28 -13.83
N CYS J 186 -15.41 -8.26 -13.75
CA CYS J 186 -16.81 -8.03 -14.11
C CYS J 186 -17.71 -8.25 -12.88
N LYS J 187 -18.75 -7.42 -12.79
CA LYS J 187 -19.74 -7.54 -11.73
C LYS J 187 -21.11 -7.19 -12.33
N TRP J 188 -21.95 -8.20 -12.51
CA TRP J 188 -23.27 -8.00 -13.08
C TRP J 188 -24.04 -6.99 -12.21
N THR J 189 -24.06 -7.22 -10.90
CA THR J 189 -24.67 -6.26 -9.97
C THR J 189 -23.67 -6.14 -8.85
N ILE J 190 -23.89 -5.19 -7.95
CA ILE J 190 -22.99 -4.94 -6.83
C ILE J 190 -23.70 -4.83 -5.46
N ARG J 191 -22.98 -5.27 -4.42
CA ARG J 191 -23.39 -5.02 -3.04
C ARG J 191 -22.04 -4.49 -2.53
N SER J 192 -22.07 -3.47 -1.68
CA SER J 192 -20.84 -2.85 -1.21
C SER J 192 -19.83 -3.76 -0.52
N ASP J 193 -20.28 -4.87 0.06
CA ASP J 193 -19.33 -5.79 0.68
C ASP J 193 -18.60 -6.63 -0.35
N ARG J 194 -19.34 -7.28 -1.25
CA ARG J 194 -18.69 -8.12 -2.26
C ARG J 194 -18.00 -7.38 -3.40
N ALA J 195 -18.20 -6.07 -3.48
CA ALA J 195 -17.53 -5.30 -4.53
C ALA J 195 -16.05 -5.16 -4.20
N GLN J 196 -15.68 -5.33 -2.93
CA GLN J 196 -14.30 -5.10 -2.51
C GLN J 196 -13.24 -6.09 -2.96
N ASN J 197 -13.64 -7.26 -3.45
CA ASN J 197 -12.62 -8.20 -3.91
C ASN J 197 -11.90 -7.66 -5.15
N ALA J 198 -12.51 -6.69 -5.84
CA ALA J 198 -11.87 -6.06 -6.99
C ALA J 198 -10.64 -5.25 -6.47
N ARG J 199 -10.75 -4.67 -5.28
CA ARG J 199 -9.63 -3.91 -4.73
C ARG J 199 -8.51 -4.82 -4.25
N SER J 200 -8.85 -5.92 -3.57
CA SER J 200 -7.81 -6.81 -3.08
C SER J 200 -7.10 -7.47 -4.27
N GLU J 201 -7.83 -7.80 -5.32
CA GLU J 201 -7.18 -8.43 -6.48
C GLU J 201 -6.29 -7.40 -7.17
N GLY J 202 -6.76 -6.16 -7.27
CA GLY J 202 -5.96 -5.11 -7.87
C GLY J 202 -4.67 -4.88 -7.09
N LEU J 203 -4.76 -4.87 -5.77
CA LEU J 203 -3.58 -4.66 -4.93
C LEU J 203 -2.57 -5.79 -5.11
N ASN J 204 -3.05 -7.02 -5.26
CA ASN J 204 -2.12 -8.13 -5.47
C ASN J 204 -1.37 -7.95 -6.79
N LEU J 205 -2.03 -7.42 -7.81
CA LEU J 205 -1.37 -7.17 -9.10
C LEU J 205 -0.34 -6.04 -8.95
N VAL J 206 -0.68 -5.03 -8.16
CA VAL J 206 0.26 -3.92 -7.95
C VAL J 206 1.50 -4.40 -7.17
N ARG J 207 1.25 -5.12 -6.08
CA ARG J 207 2.33 -5.52 -5.19
C ARG J 207 3.34 -6.53 -5.71
N ASN J 208 2.89 -7.39 -6.61
CA ASN J 208 3.74 -8.49 -7.08
C ASN J 208 4.31 -8.39 -8.47
N ARG J 209 4.11 -7.26 -9.13
CA ARG J 209 4.56 -7.17 -10.50
C ARG J 209 6.05 -6.97 -10.71
N LYS J 210 6.51 -7.48 -11.85
CA LYS J 210 7.87 -7.23 -12.31
C LYS J 210 7.56 -6.68 -13.70
N GLY J 211 7.83 -5.41 -13.93
CA GLY J 211 7.47 -4.84 -15.21
C GLY J 211 6.31 -3.86 -15.05
N ARG J 212 5.77 -3.36 -16.17
CA ARG J 212 4.68 -2.37 -16.11
C ARG J 212 3.39 -3.02 -15.64
N LEU J 213 2.70 -2.33 -14.75
CA LEU J 213 1.43 -2.84 -14.25
C LEU J 213 0.42 -2.92 -15.39
N PRO J 214 -0.34 -4.02 -15.45
CA PRO J 214 -1.36 -4.13 -16.50
C PRO J 214 -2.49 -3.10 -16.24
N HIS J 215 -3.36 -2.92 -17.22
CA HIS J 215 -4.58 -2.14 -17.00
C HIS J 215 -5.33 -2.94 -15.92
N ILE J 216 -6.02 -2.25 -14.99
CA ILE J 216 -6.81 -2.91 -13.96
C ILE J 216 -8.14 -2.16 -13.97
N VAL J 217 -9.18 -2.78 -14.50
CA VAL J 217 -10.47 -2.11 -14.61
C VAL J 217 -11.62 -3.01 -14.17
N VAL J 218 -12.78 -2.38 -13.96
CA VAL J 218 -13.98 -3.09 -13.57
C VAL J 218 -15.08 -2.70 -14.55
N VAL J 219 -15.88 -3.68 -14.96
CA VAL J 219 -17.02 -3.43 -15.85
C VAL J 219 -18.23 -3.91 -15.06
N THR J 220 -19.29 -3.10 -14.98
CA THR J 220 -20.45 -3.52 -14.20
C THR J 220 -21.78 -3.10 -14.86
N ALA J 221 -22.84 -3.81 -14.49
CA ALA J 221 -24.17 -3.50 -14.98
C ALA J 221 -25.03 -3.00 -13.82
N GLU J 222 -24.40 -2.74 -12.66
CA GLU J 222 -25.12 -2.25 -11.47
C GLU J 222 -25.87 -0.97 -11.84
N PRO J 223 -27.17 -0.89 -11.52
CA PRO J 223 -27.86 0.34 -11.90
C PRO J 223 -27.69 1.58 -11.03
N THR J 224 -27.47 1.40 -9.73
CA THR J 224 -27.39 2.54 -8.85
C THR J 224 -26.02 3.19 -8.68
N PRO J 225 -25.97 4.53 -8.81
CA PRO J 225 -24.69 5.21 -8.64
C PRO J 225 -24.08 4.94 -7.23
N SER J 226 -24.93 4.78 -6.22
CA SER J 226 -24.46 4.53 -4.86
C SER J 226 -23.68 3.21 -4.81
N ARG J 227 -24.23 2.15 -5.37
CA ARG J 227 -23.50 0.88 -5.35
C ARG J 227 -22.27 0.92 -6.24
N ILE J 228 -22.37 1.57 -7.39
CA ILE J 228 -21.21 1.70 -8.29
C ILE J 228 -20.07 2.42 -7.54
N SER J 229 -20.42 3.43 -6.73
CA SER J 229 -19.43 4.22 -6.02
C SER J 229 -18.64 3.41 -5.00
N SER J 230 -19.16 2.27 -4.54
CA SER J 230 -18.46 1.44 -3.56
C SER J 230 -17.18 0.85 -4.15
N ILE J 231 -17.09 0.81 -5.48
CA ILE J 231 -15.86 0.35 -6.13
C ILE J 231 -15.19 1.43 -6.99
N ALA J 232 -15.96 2.40 -7.51
CA ALA J 232 -15.37 3.44 -8.35
C ALA J 232 -14.65 4.56 -7.62
N LEU J 233 -15.15 4.96 -6.46
CA LEU J 233 -14.48 6.04 -5.73
C LEU J 233 -13.17 5.56 -5.14
N GLY J 234 -12.24 6.49 -5.02
CA GLY J 234 -10.94 6.18 -4.46
C GLY J 234 -10.00 5.85 -5.61
N THR J 235 -8.71 5.94 -5.33
CA THR J 235 -7.70 5.61 -6.35
C THR J 235 -6.67 4.71 -5.71
N GLY J 236 -5.89 4.04 -6.55
CA GLY J 236 -4.84 3.20 -6.03
C GLY J 236 -4.93 1.74 -6.40
N GLU J 237 -6.15 1.23 -6.51
CA GLU J 237 -6.33 -0.18 -6.84
C GLU J 237 -6.89 -0.36 -8.24
N ILE J 238 -7.96 0.40 -8.51
CA ILE J 238 -8.70 0.32 -9.77
C ILE J 238 -8.41 1.51 -10.67
N ASP J 239 -8.01 1.25 -11.92
CA ASP J 239 -7.72 2.35 -12.85
C ASP J 239 -8.98 3.16 -13.13
N CYS J 240 -10.08 2.45 -13.41
CA CYS J 240 -11.34 3.12 -13.75
C CYS J 240 -12.42 2.05 -13.83
N VAL J 241 -13.68 2.47 -13.68
CA VAL J 241 -14.84 1.58 -13.79
C VAL J 241 -15.61 1.95 -15.07
N TYR J 242 -16.16 0.95 -15.73
CA TYR J 242 -16.90 1.13 -16.97
C TYR J 242 -18.30 0.57 -16.79
N HIS J 243 -19.30 1.40 -17.08
CA HIS J 243 -20.69 0.97 -16.91
C HIS J 243 -21.27 0.41 -18.22
N PHE J 244 -22.07 -0.64 -18.13
CA PHE J 244 -22.62 -1.29 -19.33
C PHE J 244 -23.56 -0.44 -20.19
N ALA J 245 -24.09 0.63 -19.61
CA ALA J 245 -25.04 1.50 -20.33
C ALA J 245 -25.04 2.86 -19.67
N LEU J 246 -23.91 3.54 -19.75
CA LEU J 246 -23.75 4.83 -19.10
C LEU J 246 -24.68 5.95 -19.58
N TYR J 247 -24.82 6.08 -20.89
CA TYR J 247 -25.65 7.13 -21.48
C TYR J 247 -27.10 6.97 -21.01
N GLU J 248 -27.55 5.72 -20.98
CA GLU J 248 -28.91 5.38 -20.57
C GLU J 248 -29.08 5.63 -19.08
N LEU J 249 -28.06 5.30 -18.28
CA LEU J 249 -28.13 5.57 -16.84
C LEU J 249 -28.31 7.06 -16.61
N GLU J 250 -27.51 7.88 -17.31
CA GLU J 250 -27.60 9.31 -17.10
C GLU J 250 -28.98 9.87 -17.49
N GLN J 251 -29.50 9.41 -18.63
CA GLN J 251 -30.79 9.85 -19.13
C GLN J 251 -31.92 9.54 -18.14
N ILE J 252 -31.99 8.30 -17.65
CA ILE J 252 -33.05 7.95 -16.72
C ILE J 252 -32.88 8.68 -15.39
N LEU J 253 -31.64 8.90 -14.97
CA LEU J 253 -31.42 9.62 -13.73
C LEU J 253 -31.98 11.06 -13.85
N GLN J 254 -31.89 11.62 -15.04
CA GLN J 254 -32.40 12.97 -15.24
C GLN J 254 -33.92 12.98 -15.29
N SER J 255 -34.48 12.01 -16.00
CA SER J 255 -35.94 11.88 -16.15
C SER J 255 -36.66 11.60 -14.83
N LEU J 256 -35.99 10.96 -13.88
CA LEU J 256 -36.61 10.64 -12.59
C LEU J 256 -36.28 11.72 -11.57
N ASN J 257 -35.45 12.67 -11.98
CA ASN J 257 -35.03 13.75 -11.10
C ASN J 257 -34.47 13.26 -9.77
N TYR J 258 -33.63 12.22 -9.82
CA TYR J 258 -33.00 11.70 -8.62
C TYR J 258 -31.74 12.55 -8.48
N GLU J 259 -31.89 13.69 -7.82
CA GLU J 259 -30.83 14.66 -7.64
C GLU J 259 -29.53 14.22 -6.96
N ASP J 260 -29.64 13.55 -5.81
CA ASP J 260 -28.46 13.08 -5.10
C ASP J 260 -27.69 12.08 -5.97
N ALA J 261 -28.42 11.12 -6.54
CA ALA J 261 -27.81 10.10 -7.39
C ALA J 261 -27.20 10.70 -8.65
N LEU J 262 -27.78 11.79 -9.16
CA LEU J 262 -27.23 12.44 -10.33
C LEU J 262 -25.92 13.11 -9.95
N ASP J 263 -25.93 13.76 -8.79
CA ASP J 263 -24.74 14.43 -8.29
C ASP J 263 -23.61 13.39 -8.19
N LEU J 264 -23.89 12.24 -7.58
CA LEU J 264 -22.88 11.20 -7.41
C LEU J 264 -22.38 10.68 -8.76
N PHE J 265 -23.29 10.52 -9.71
CA PHE J 265 -22.96 10.07 -11.07
C PHE J 265 -21.90 11.00 -11.65
N TYR J 266 -22.19 12.30 -11.67
CA TYR J 266 -21.26 13.28 -12.21
C TYR J 266 -19.95 13.39 -11.46
N ILE J 267 -19.98 13.17 -10.16
CA ILE J 267 -18.75 13.22 -9.40
C ILE J 267 -17.86 12.09 -9.93
N MET J 268 -18.43 10.91 -10.12
CA MET J 268 -17.64 9.79 -10.61
C MET J 268 -17.22 9.97 -12.07
N VAL J 269 -18.10 10.54 -12.89
CA VAL J 269 -17.81 10.72 -14.31
C VAL J 269 -16.88 11.90 -14.55
N ASN J 270 -17.15 13.05 -13.95
CA ASN J 270 -16.27 14.20 -14.13
C ASN J 270 -14.95 13.93 -13.40
N GLY J 271 -15.01 13.07 -12.39
CA GLY J 271 -13.83 12.72 -11.61
C GLY J 271 -13.02 11.56 -12.19
N LYS J 272 -13.30 11.19 -13.44
CA LYS J 272 -12.58 10.11 -14.13
C LYS J 272 -12.50 8.77 -13.39
N ARG J 273 -13.61 8.41 -12.76
CA ARG J 273 -13.73 7.13 -12.04
C ARG J 273 -14.72 6.20 -12.75
N LEU J 274 -15.53 6.75 -13.63
CA LEU J 274 -16.56 5.99 -14.32
C LEU J 274 -16.73 6.44 -15.76
N LYS J 275 -16.73 5.49 -16.68
CA LYS J 275 -16.93 5.75 -18.10
C LYS J 275 -17.93 4.74 -18.68
N ASP J 276 -18.13 4.79 -19.99
CA ASP J 276 -19.04 3.85 -20.66
C ASP J 276 -18.29 2.62 -21.15
N ILE J 277 -19.01 1.53 -21.36
CA ILE J 277 -18.38 0.31 -21.87
C ILE J 277 -17.67 0.63 -23.22
N SER J 278 -18.20 1.59 -23.98
CA SER J 278 -17.62 1.93 -25.26
C SER J 278 -16.27 2.61 -25.15
N ASP J 279 -15.95 3.12 -23.96
CA ASP J 279 -14.64 3.77 -23.74
C ASP J 279 -13.52 2.77 -23.47
N LEU J 280 -13.89 1.57 -23.04
CA LEU J 280 -12.87 0.56 -22.69
C LEU J 280 -11.88 0.13 -23.78
N PRO J 281 -12.34 -0.23 -25.00
CA PRO J 281 -11.38 -0.64 -26.03
C PRO J 281 -10.30 0.41 -26.30
N LEU J 282 -10.71 1.67 -26.44
CA LEU J 282 -9.73 2.72 -26.66
C LEU J 282 -8.85 2.95 -25.44
N ASP J 283 -9.41 2.80 -24.24
CA ASP J 283 -8.60 3.01 -23.05
C ASP J 283 -7.55 1.91 -22.96
N LEU J 284 -7.83 0.75 -23.54
CA LEU J 284 -6.86 -0.35 -23.53
C LEU J 284 -5.76 -0.13 -24.57
N ALA J 285 -5.85 0.95 -25.34
CA ALA J 285 -4.86 1.26 -26.38
C ALA J 285 -3.82 2.33 -26.02
N VAL J 286 -3.87 2.86 -24.80
CA VAL J 286 -2.91 3.90 -24.41
C VAL J 286 -1.45 3.43 -24.44
N MET K 1 29.56 -4.12 -33.56
CA MET K 1 28.87 -2.84 -33.23
C MET K 1 28.15 -2.37 -34.47
N GLN K 2 27.15 -3.14 -34.86
CA GLN K 2 26.41 -2.84 -36.05
C GLN K 2 24.97 -2.40 -35.78
N PRO K 3 24.19 -3.20 -35.02
CA PRO K 3 22.80 -2.77 -34.78
C PRO K 3 22.69 -1.39 -34.16
N LEU K 4 21.67 -0.65 -34.56
CA LEU K 4 21.47 0.71 -34.11
C LEU K 4 21.36 0.88 -32.60
N PHE K 5 20.80 -0.08 -31.88
CA PHE K 5 20.71 0.10 -30.42
C PHE K 5 22.08 -0.01 -29.80
N THR K 6 22.96 -0.75 -30.46
CA THR K 6 24.32 -0.91 -29.98
C THR K 6 25.04 0.40 -30.22
N GLN K 7 24.81 1.01 -31.39
CA GLN K 7 25.40 2.29 -31.72
C GLN K 7 24.89 3.37 -30.74
N GLU K 8 23.60 3.32 -30.42
CA GLU K 8 23.03 4.30 -29.49
C GLU K 8 23.62 4.14 -28.10
N ARG K 9 23.82 2.91 -27.67
CA ARG K 9 24.41 2.65 -26.37
C ARG K 9 25.83 3.25 -26.33
N ARG K 10 26.57 3.09 -27.43
CA ARG K 10 27.93 3.64 -27.47
C ARG K 10 27.93 5.17 -27.45
N ILE K 11 26.98 5.78 -28.14
CA ILE K 11 26.83 7.23 -28.17
C ILE K 11 26.55 7.73 -26.73
N PHE K 12 25.67 7.01 -26.03
CA PHE K 12 25.31 7.31 -24.63
C PHE K 12 26.59 7.32 -23.77
N HIS K 13 27.39 6.26 -23.85
CA HIS K 13 28.63 6.20 -23.08
C HIS K 13 29.58 7.31 -23.49
N LYS K 14 29.70 7.57 -24.79
CA LYS K 14 30.59 8.63 -25.26
C LYS K 14 30.23 10.01 -24.73
N LYS K 15 28.94 10.27 -24.55
CA LYS K 15 28.50 11.56 -24.02
C LYS K 15 28.97 11.69 -22.57
N LEU K 16 28.93 10.57 -21.85
CA LEU K 16 29.37 10.59 -20.45
C LEU K 16 30.87 10.83 -20.36
N LEU K 17 31.62 10.30 -21.32
CA LEU K 17 33.07 10.48 -21.31
C LEU K 17 33.42 11.90 -21.77
N ASP K 18 32.82 12.33 -22.88
CA ASP K 18 33.11 13.65 -23.42
C ASP K 18 32.79 14.81 -22.48
N GLY K 19 31.77 14.63 -21.64
CA GLY K 19 31.38 15.67 -20.70
C GLY K 19 32.13 15.55 -19.38
N ASN K 20 33.05 14.60 -19.32
CA ASN K 20 33.82 14.38 -18.11
C ASN K 20 32.93 13.93 -16.94
N ILE K 21 31.74 13.40 -17.26
CA ILE K 21 30.83 12.91 -16.22
C ILE K 21 31.44 11.61 -15.67
N LEU K 22 31.90 10.76 -16.59
CA LEU K 22 32.57 9.52 -16.22
C LEU K 22 34.05 9.78 -16.53
N ALA K 23 34.86 9.86 -15.48
CA ALA K 23 36.30 10.12 -15.62
C ALA K 23 37.02 9.56 -14.41
N THR K 24 38.35 9.62 -14.38
CA THR K 24 39.12 9.10 -13.26
C THR K 24 39.91 10.26 -12.68
N ASN K 25 39.88 10.44 -11.37
CA ASN K 25 40.62 11.56 -10.79
C ASN K 25 42.08 11.22 -10.48
N ASN K 26 42.80 12.17 -9.91
CA ASN K 26 44.22 11.97 -9.59
C ASN K 26 44.51 10.81 -8.66
N ARG K 27 43.56 10.47 -7.80
CA ARG K 27 43.73 9.35 -6.86
C ARG K 27 43.28 8.01 -7.45
N GLY K 28 43.02 8.01 -8.75
CA GLY K 28 42.60 6.77 -9.41
C GLY K 28 41.17 6.33 -9.16
N VAL K 29 40.37 7.23 -8.59
CA VAL K 29 38.96 6.91 -8.33
C VAL K 29 38.10 7.35 -9.52
N VAL K 30 37.34 6.42 -10.08
CA VAL K 30 36.46 6.76 -11.21
C VAL K 30 35.28 7.52 -10.60
N SER K 31 34.72 8.45 -11.36
CA SER K 31 33.68 9.35 -10.88
C SER K 31 32.33 8.77 -10.46
N ASN K 32 32.09 7.48 -10.68
CA ASN K 32 30.85 6.86 -10.21
C ASN K 32 31.18 5.90 -9.07
N ALA K 33 32.44 5.92 -8.60
CA ALA K 33 32.85 5.05 -7.50
C ALA K 33 32.94 5.77 -6.16
N ASP K 34 32.98 4.95 -5.12
CA ASP K 34 33.12 5.39 -3.72
C ASP K 34 34.55 4.95 -3.38
N GLY K 35 35.48 5.91 -3.41
CA GLY K 35 36.87 5.61 -3.16
C GLY K 35 37.24 4.89 -1.88
N SER K 36 36.38 4.97 -0.87
CA SER K 36 36.64 4.33 0.42
C SER K 36 36.27 2.86 0.42
N ASN K 37 35.65 2.43 -0.67
CA ASN K 37 35.11 1.09 -0.82
C ASN K 37 35.95 0.32 -1.84
N THR K 38 36.75 -0.65 -1.40
CA THR K 38 37.61 -1.38 -2.34
C THR K 38 36.86 -1.99 -3.51
N ARG K 39 35.71 -2.60 -3.25
CA ARG K 39 34.97 -3.21 -4.34
C ARG K 39 34.45 -2.15 -5.30
N SER K 40 33.93 -1.04 -4.77
CA SER K 40 33.43 0.01 -5.63
C SER K 40 34.53 0.55 -6.54
N PHE K 41 35.68 0.81 -5.93
CA PHE K 41 36.85 1.35 -6.62
C PHE K 41 37.28 0.42 -7.78
N ASN K 42 37.43 -0.87 -7.49
CA ASN K 42 37.87 -1.80 -8.50
C ASN K 42 36.83 -2.12 -9.58
N ILE K 43 35.58 -2.22 -9.17
CA ILE K 43 34.55 -2.51 -10.16
C ILE K 43 34.42 -1.33 -11.13
N ALA K 44 34.34 -0.11 -10.58
CA ALA K 44 34.19 1.08 -11.40
C ALA K 44 35.35 1.26 -12.38
N LYS K 45 36.58 0.98 -11.92
CA LYS K 45 37.71 1.14 -12.84
C LYS K 45 37.65 0.09 -13.95
N GLY K 46 37.27 -1.14 -13.61
CA GLY K 46 37.13 -2.19 -14.62
C GLY K 46 36.10 -1.78 -15.66
N ILE K 47 34.96 -1.24 -15.24
CA ILE K 47 33.96 -0.78 -16.18
C ILE K 47 34.49 0.33 -17.08
N ALA K 48 35.16 1.31 -16.47
CA ALA K 48 35.69 2.44 -17.21
C ALA K 48 36.67 1.93 -18.27
N ASP K 49 37.45 0.91 -17.90
CA ASP K 49 38.42 0.37 -18.85
C ASP K 49 37.69 -0.30 -20.00
N LEU K 50 36.61 -1.02 -19.70
CA LEU K 50 35.86 -1.65 -20.78
C LEU K 50 35.12 -0.63 -21.64
N LEU K 51 34.89 0.58 -21.13
CA LEU K 51 34.24 1.61 -21.94
C LEU K 51 35.31 2.45 -22.68
N HIS K 52 36.57 2.04 -22.52
CA HIS K 52 37.72 2.72 -23.15
C HIS K 52 37.88 4.16 -22.66
N SER K 53 37.63 4.36 -21.37
CA SER K 53 37.75 5.68 -20.81
C SER K 53 39.22 6.03 -20.61
N GLU K 54 39.61 7.22 -21.05
CA GLU K 54 40.97 7.67 -20.89
C GLU K 54 41.03 9.07 -20.27
N THR K 55 39.90 9.72 -20.07
CA THR K 55 39.97 11.07 -19.49
C THR K 55 40.18 11.11 -17.99
N VAL K 56 41.04 12.03 -17.60
CA VAL K 56 41.38 12.25 -16.22
C VAL K 56 40.83 13.61 -15.91
N SER K 57 40.10 13.70 -14.82
CA SER K 57 39.48 14.95 -14.42
C SER K 57 39.10 14.81 -12.96
N GLU K 58 39.07 15.92 -12.24
CA GLU K 58 38.65 15.80 -10.86
C GLU K 58 37.14 15.58 -10.94
N ARG K 59 36.62 14.92 -9.93
CA ARG K 59 35.21 14.58 -9.87
C ARG K 59 34.32 15.81 -9.96
N LEU K 60 33.29 15.74 -10.78
CA LEU K 60 32.39 16.86 -10.90
C LEU K 60 31.51 16.97 -9.65
N PRO K 61 31.03 18.17 -9.37
CA PRO K 61 30.14 18.34 -8.20
C PRO K 61 28.96 17.39 -8.43
N GLY K 62 28.43 16.82 -7.34
CA GLY K 62 27.31 15.89 -7.48
C GLY K 62 26.10 16.48 -8.17
N GLN K 63 25.87 17.78 -7.97
CA GLN K 63 24.73 18.41 -8.60
C GLN K 63 24.91 18.43 -10.12
N THR K 64 26.16 18.57 -10.55
CA THR K 64 26.46 18.63 -11.96
C THR K 64 26.30 17.25 -12.60
N SER K 65 26.91 16.24 -11.99
CA SER K 65 26.78 14.89 -12.57
C SER K 65 25.34 14.40 -12.51
N GLY K 66 24.63 14.72 -11.42
CA GLY K 66 23.23 14.30 -11.32
C GLY K 66 22.41 14.85 -12.48
N ASN K 67 22.56 16.15 -12.73
CA ASN K 67 21.82 16.79 -13.81
C ASN K 67 22.26 16.29 -15.20
N ALA K 68 23.57 16.17 -15.39
CA ALA K 68 24.10 15.72 -16.70
C ALA K 68 23.68 14.27 -16.99
N PHE K 69 23.71 13.42 -15.97
CA PHE K 69 23.29 12.04 -16.17
C PHE K 69 21.83 12.00 -16.59
N GLU K 70 20.98 12.81 -15.95
CA GLU K 70 19.58 12.88 -16.35
C GLU K 70 19.45 13.28 -17.82
N ALA K 71 20.14 14.36 -18.20
CA ALA K 71 20.08 14.85 -19.58
C ALA K 71 20.52 13.81 -20.60
N ILE K 72 21.64 13.14 -20.33
CA ILE K 72 22.15 12.13 -21.27
C ILE K 72 21.25 10.90 -21.35
N CYS K 73 20.70 10.46 -20.22
CA CYS K 73 19.77 9.33 -20.25
C CYS K 73 18.54 9.73 -21.08
N SER K 74 18.06 10.94 -20.90
CA SER K 74 16.90 11.39 -21.62
C SER K 74 17.13 11.37 -23.14
N GLU K 75 18.30 11.81 -23.57
CA GLU K 75 18.62 11.84 -25.00
C GLU K 75 18.70 10.41 -25.57
N PHE K 76 19.27 9.48 -24.81
CA PHE K 76 19.38 8.08 -25.25
C PHE K 76 17.97 7.52 -25.42
N VAL K 77 17.13 7.68 -24.39
CA VAL K 77 15.78 7.18 -24.48
C VAL K 77 15.00 7.77 -25.67
N GLN K 78 15.10 9.07 -25.88
CA GLN K 78 14.39 9.72 -26.98
C GLN K 78 14.83 9.13 -28.32
N SER K 79 16.15 9.08 -28.52
CA SER K 79 16.67 8.57 -29.79
C SER K 79 16.30 7.13 -30.10
N ALA K 80 16.50 6.24 -29.12
CA ALA K 80 16.20 4.85 -29.34
C ALA K 80 14.71 4.54 -29.42
N PHE K 81 13.90 5.17 -28.55
CA PHE K 81 12.48 4.88 -28.56
C PHE K 81 11.84 5.35 -29.87
N GLU K 82 12.38 6.44 -30.44
CA GLU K 82 11.88 6.98 -31.70
C GLU K 82 11.89 5.93 -32.81
N LYS K 83 12.79 4.97 -32.72
CA LYS K 83 12.90 3.91 -33.73
C LYS K 83 11.89 2.77 -33.57
N LEU K 84 11.04 2.83 -32.54
CA LEU K 84 10.09 1.76 -32.29
C LEU K 84 8.64 2.16 -32.61
N GLN K 85 8.48 3.19 -33.42
CA GLN K 85 7.17 3.69 -33.80
C GLN K 85 6.28 2.58 -34.42
N HIS K 86 6.89 1.60 -35.10
CA HIS K 86 6.11 0.52 -35.70
C HIS K 86 5.55 -0.50 -34.71
N ILE K 87 6.15 -0.61 -33.51
CA ILE K 87 5.61 -1.54 -32.51
C ILE K 87 4.89 -0.79 -31.38
N ARG K 88 5.07 0.53 -31.32
CA ARG K 88 4.41 1.35 -30.27
C ARG K 88 4.24 2.76 -30.86
N PRO K 89 3.31 2.90 -31.80
CA PRO K 89 3.06 4.18 -32.46
C PRO K 89 2.51 5.24 -31.54
N GLY K 90 2.70 6.50 -31.92
CA GLY K 90 2.18 7.60 -31.14
C GLY K 90 3.02 8.83 -31.30
N ASP K 91 2.51 9.94 -30.78
CA ASP K 91 3.20 11.21 -30.80
C ASP K 91 3.84 11.30 -29.41
N TRP K 92 5.08 10.83 -29.32
CA TRP K 92 5.80 10.78 -28.05
C TRP K 92 6.76 11.92 -27.75
N ASN K 93 6.89 12.26 -26.47
CA ASN K 93 7.80 13.30 -26.05
C ASN K 93 8.60 12.76 -24.88
N VAL K 94 9.89 13.06 -24.86
CA VAL K 94 10.75 12.62 -23.76
C VAL K 94 11.41 13.87 -23.22
N LYS K 95 11.24 14.15 -21.94
CA LYS K 95 11.90 15.32 -21.40
C LYS K 95 12.37 15.23 -19.97
N GLN K 96 13.50 15.88 -19.75
CA GLN K 96 14.07 15.96 -18.44
C GLN K 96 13.22 17.06 -17.83
N VAL K 97 12.56 16.78 -16.71
CA VAL K 97 11.68 17.75 -16.09
C VAL K 97 12.43 18.96 -15.55
N GLY K 98 13.44 18.73 -14.74
CA GLY K 98 14.20 19.83 -14.20
C GLY K 98 13.54 20.68 -13.13
N SER K 99 14.12 21.87 -12.97
CA SER K 99 13.69 22.87 -11.99
C SER K 99 12.22 23.20 -11.87
N ARG K 100 11.50 23.27 -12.99
CA ARG K 100 10.06 23.55 -12.90
C ARG K 100 9.37 22.20 -12.74
N ASN K 101 9.68 21.62 -11.58
CA ASN K 101 9.24 20.33 -11.10
C ASN K 101 7.79 20.19 -10.66
N ARG K 102 7.49 20.81 -9.52
CA ARG K 102 6.20 20.80 -8.86
C ARG K 102 4.97 20.94 -9.77
N LEU K 103 4.10 19.94 -9.71
CA LEU K 103 2.88 19.94 -10.51
C LEU K 103 3.03 19.76 -12.03
N GLU K 104 4.25 19.51 -12.52
CA GLU K 104 4.41 19.26 -13.95
C GLU K 104 3.60 17.98 -14.19
N ILE K 105 3.63 17.11 -13.18
CA ILE K 105 2.93 15.83 -13.22
C ILE K 105 1.42 16.00 -13.48
N ALA K 106 0.86 17.10 -12.96
CA ALA K 106 -0.57 17.39 -13.09
C ALA K 106 -0.98 17.85 -14.47
N ARG K 107 -0.01 17.99 -15.38
CA ARG K 107 -0.34 18.38 -16.74
C ARG K 107 -0.79 17.13 -17.46
N TYR K 108 -0.58 15.98 -16.82
CA TYR K 108 -0.95 14.74 -17.44
C TYR K 108 -2.21 14.14 -16.88
N GLN K 109 -2.94 13.53 -17.80
CA GLN K 109 -4.24 12.96 -17.55
C GLN K 109 -4.42 12.17 -16.27
N GLN K 110 -3.56 11.19 -16.02
CA GLN K 110 -3.74 10.39 -14.82
C GLN K 110 -3.56 11.10 -13.50
N TYR K 111 -2.97 12.30 -13.51
CA TYR K 111 -2.69 13.00 -12.26
C TYR K 111 -3.19 14.46 -12.21
N ALA K 112 -4.01 14.83 -13.18
CA ALA K 112 -4.51 16.20 -13.31
C ALA K 112 -5.25 16.71 -12.07
N HIS K 113 -5.94 15.79 -11.40
CA HIS K 113 -6.68 16.13 -10.19
C HIS K 113 -5.81 16.63 -9.05
N LEU K 114 -4.51 16.38 -9.12
CA LEU K 114 -3.62 16.83 -8.06
C LEU K 114 -3.63 18.36 -7.96
N THR K 115 -3.88 19.05 -9.08
CA THR K 115 -3.93 20.51 -9.09
C THR K 115 -5.11 21.00 -8.24
N ALA K 116 -6.26 20.34 -8.39
CA ALA K 116 -7.46 20.69 -7.62
C ALA K 116 -7.18 20.50 -6.14
N LEU K 117 -6.57 19.37 -5.79
CA LEU K 117 -6.25 19.10 -4.39
C LEU K 117 -5.35 20.20 -3.84
N ALA K 118 -4.32 20.58 -4.61
CA ALA K 118 -3.41 21.63 -4.17
C ALA K 118 -4.10 22.98 -3.98
N LYS K 119 -4.98 23.34 -4.91
CA LYS K 119 -5.70 24.60 -4.82
C LYS K 119 -6.61 24.63 -3.60
N ALA K 120 -7.34 23.55 -3.38
CA ALA K 120 -8.25 23.47 -2.26
C ALA K 120 -7.47 23.69 -0.96
N ALA K 121 -6.39 22.94 -0.79
CA ALA K 121 -5.56 23.04 0.39
C ALA K 121 -5.04 24.46 0.57
N GLU K 122 -4.72 25.13 -0.52
CA GLU K 122 -4.20 26.49 -0.42
C GLU K 122 -5.21 27.45 0.21
N GLU K 123 -6.48 27.30 -0.17
CA GLU K 123 -7.52 28.17 0.34
C GLU K 123 -7.93 27.84 1.78
N ASN K 124 -7.59 26.63 2.26
CA ASN K 124 -7.93 26.17 3.61
C ASN K 124 -6.75 25.41 4.29
N PRO K 125 -6.73 25.33 5.65
CA PRO K 125 -5.72 24.69 6.51
C PRO K 125 -5.13 23.27 6.29
N GLU K 126 -5.45 22.36 7.21
CA GLU K 126 -4.93 21.00 7.18
C GLU K 126 -4.91 20.28 5.86
N LEU K 127 -6.07 19.93 5.30
CA LEU K 127 -6.15 19.15 4.05
C LEU K 127 -4.79 18.64 3.59
N ALA K 128 -3.83 19.55 3.47
CA ALA K 128 -2.45 19.21 3.12
C ALA K 128 -1.82 18.36 4.24
N ALA K 129 -2.32 18.52 5.47
CA ALA K 129 -1.81 17.74 6.60
C ALA K 129 -2.24 16.29 6.43
N ALA K 130 -3.34 16.07 5.71
CA ALA K 130 -3.83 14.72 5.49
C ALA K 130 -3.37 14.24 4.12
N LEU K 131 -3.61 15.09 3.12
CA LEU K 131 -3.26 14.78 1.74
C LEU K 131 -1.76 14.81 1.49
N GLY K 132 -1.04 15.62 2.27
CA GLY K 132 0.39 15.71 2.09
C GLY K 132 0.77 16.69 1.00
N SER K 133 2.03 16.67 0.60
CA SER K 133 2.53 17.58 -0.43
C SER K 133 3.42 16.90 -1.47
N ASP K 134 3.94 15.73 -1.13
CA ASP K 134 4.84 15.03 -2.04
C ASP K 134 4.19 14.51 -3.32
N TYR K 135 2.85 14.57 -3.37
CA TYR K 135 2.14 14.13 -4.55
C TYR K 135 2.38 15.05 -5.72
N THR K 136 2.86 16.27 -5.45
CA THR K 136 3.15 17.22 -6.53
C THR K 136 4.43 16.71 -7.23
N ILE K 137 4.50 15.37 -7.22
CA ILE K 137 5.56 14.53 -7.81
C ILE K 137 6.30 15.17 -8.95
N THR K 138 7.62 15.00 -8.96
CA THR K 138 8.45 15.54 -10.02
C THR K 138 9.42 14.45 -10.47
N PRO K 139 9.02 13.60 -11.42
CA PRO K 139 9.96 12.55 -11.87
C PRO K 139 11.16 13.23 -12.53
N ASP K 140 12.30 12.54 -12.60
CA ASP K 140 13.49 13.11 -13.24
C ASP K 140 13.31 13.31 -14.75
N ILE K 141 12.77 12.28 -15.40
CA ILE K 141 12.53 12.28 -16.82
C ILE K 141 11.14 11.69 -17.02
N ILE K 142 10.37 12.28 -17.92
CA ILE K 142 9.06 11.71 -18.22
C ILE K 142 8.93 11.45 -19.71
N VAL K 143 8.16 10.44 -20.05
CA VAL K 143 7.85 10.15 -21.45
C VAL K 143 6.35 10.34 -21.46
N THR K 144 5.85 11.14 -22.41
CA THR K 144 4.40 11.39 -22.51
C THR K 144 3.87 11.10 -23.91
N ARG K 145 2.56 10.86 -23.99
CA ARG K 145 1.92 10.57 -25.27
C ARG K 145 0.87 11.64 -25.53
N ASN K 146 0.97 12.28 -26.69
CA ASN K 146 -0.03 13.29 -27.04
C ASN K 146 -1.26 12.58 -27.52
N LEU K 147 -2.40 13.25 -27.42
CA LEU K 147 -3.64 12.63 -27.82
C LEU K 147 -3.83 12.56 -29.34
N ILE K 148 -4.77 11.71 -29.74
CA ILE K 148 -5.06 11.40 -31.14
C ILE K 148 -6.37 12.00 -31.66
N ALA K 149 -6.35 12.46 -32.91
CA ALA K 149 -7.56 13.02 -33.52
C ALA K 149 -8.45 11.91 -34.08
N ASP K 150 -9.72 12.20 -34.33
CA ASP K 150 -10.60 11.18 -34.86
C ASP K 150 -10.11 10.66 -36.22
N ALA K 151 -9.52 11.54 -37.02
CA ALA K 151 -9.01 11.15 -38.33
C ALA K 151 -8.05 9.97 -38.22
N GLU K 152 -7.27 9.95 -37.13
CA GLU K 152 -6.31 8.86 -36.94
C GLU K 152 -7.00 7.63 -36.34
N ILE K 153 -7.87 7.83 -35.37
CA ILE K 153 -8.58 6.69 -34.80
C ILE K 153 -9.35 6.05 -35.94
N ASN K 154 -9.92 6.87 -36.81
CA ASN K 154 -10.70 6.38 -37.95
C ASN K 154 -9.90 6.24 -39.24
N ARG K 155 -8.58 6.06 -39.13
CA ARG K 155 -7.76 5.94 -40.32
C ARG K 155 -8.18 4.85 -41.31
N ASN K 156 -8.57 3.68 -40.81
CA ASN K 156 -8.95 2.60 -41.71
C ASN K 156 -10.44 2.27 -41.72
N GLU K 157 -11.12 2.63 -40.65
CA GLU K 157 -12.56 2.37 -40.52
C GLU K 157 -13.23 3.51 -39.76
N PHE K 158 -14.54 3.64 -39.92
CA PHE K 158 -15.26 4.69 -39.22
C PHE K 158 -15.61 4.07 -37.88
N LEU K 159 -14.70 4.21 -36.91
CA LEU K 159 -14.87 3.62 -35.59
C LEU K 159 -15.63 4.47 -34.60
N VAL K 160 -15.34 5.78 -34.59
CA VAL K 160 -15.99 6.67 -33.64
C VAL K 160 -16.48 7.99 -34.20
N ASP K 161 -17.45 8.57 -33.49
CA ASP K 161 -17.96 9.88 -33.80
C ASP K 161 -18.11 10.58 -32.46
N GLU K 162 -18.81 11.70 -32.43
CA GLU K 162 -18.95 12.45 -31.20
C GLU K 162 -19.88 11.85 -30.14
N ASN K 163 -20.59 10.79 -30.48
CA ASN K 163 -21.54 10.22 -29.52
C ASN K 163 -21.23 8.84 -28.96
N ILE K 164 -20.00 8.38 -29.16
CA ILE K 164 -19.60 7.07 -28.67
C ILE K 164 -18.15 7.21 -28.14
N ALA K 165 -17.78 6.41 -27.15
CA ALA K 165 -16.40 6.48 -26.59
C ALA K 165 -16.02 7.93 -26.33
N THR K 166 -16.92 8.65 -25.67
CA THR K 166 -16.72 10.06 -25.41
C THR K 166 -15.78 10.40 -24.26
N TYR K 167 -15.40 9.40 -23.47
CA TYR K 167 -14.50 9.62 -22.36
C TYR K 167 -13.15 8.92 -22.53
N ALA K 168 -12.95 8.29 -23.68
CA ALA K 168 -11.70 7.58 -23.97
C ALA K 168 -10.53 8.52 -23.77
N SER K 169 -9.56 8.10 -22.97
CA SER K 169 -8.38 8.91 -22.67
C SER K 169 -7.58 9.41 -23.87
N LEU K 170 -7.47 8.58 -24.91
CA LEU K 170 -6.70 8.94 -26.10
C LEU K 170 -7.29 10.00 -27.01
N ARG K 171 -8.58 10.29 -26.87
CA ARG K 171 -9.23 11.25 -27.75
C ARG K 171 -8.91 12.70 -27.46
N ALA K 172 -8.34 13.35 -28.48
CA ALA K 172 -7.96 14.74 -28.39
C ALA K 172 -9.29 15.48 -28.32
N GLY K 173 -9.37 16.46 -27.45
CA GLY K 173 -10.62 17.18 -27.34
C GLY K 173 -10.54 18.07 -26.14
N ASN K 174 -10.97 19.31 -26.34
CA ASN K 174 -10.95 20.31 -25.29
C ASN K 174 -11.22 19.69 -23.93
N GLY K 175 -10.26 19.87 -23.04
CA GLY K 175 -10.35 19.32 -21.70
C GLY K 175 -9.37 18.18 -21.47
N ASN K 176 -9.11 17.39 -22.50
CA ASN K 176 -8.21 16.23 -22.40
C ASN K 176 -6.72 16.56 -22.47
N MET K 177 -5.95 16.04 -21.52
CA MET K 177 -4.52 16.29 -21.46
C MET K 177 -3.70 15.07 -21.92
N PRO K 178 -2.42 15.30 -22.23
CA PRO K 178 -1.53 14.24 -22.68
C PRO K 178 -1.41 13.18 -21.58
N LEU K 179 -1.07 11.96 -21.97
CA LEU K 179 -0.93 10.89 -21.00
C LEU K 179 0.52 10.70 -20.56
N LEU K 180 0.70 10.41 -19.28
CA LEU K 180 2.05 10.15 -18.77
C LEU K 180 2.34 8.68 -19.10
N HIS K 181 3.38 8.45 -19.88
CA HIS K 181 3.74 7.10 -20.30
C HIS K 181 4.74 6.46 -19.35
N ALA K 182 5.70 7.24 -18.91
CA ALA K 182 6.74 6.73 -18.05
C ALA K 182 7.38 7.75 -17.14
N SER K 183 7.76 7.28 -15.95
CA SER K 183 8.50 8.04 -14.97
C SER K 183 9.84 7.32 -14.94
N ILE K 184 10.90 8.04 -15.29
CA ILE K 184 12.25 7.47 -15.31
C ILE K 184 13.08 8.22 -14.29
N SER K 185 13.42 7.53 -13.22
CA SER K 185 14.21 8.10 -12.14
C SER K 185 15.69 7.80 -12.44
N CYS K 186 16.54 8.81 -12.30
CA CYS K 186 17.97 8.61 -12.53
C CYS K 186 18.77 8.77 -11.24
N LYS K 187 19.79 7.92 -11.07
CA LYS K 187 20.69 8.00 -9.92
C LYS K 187 22.09 7.70 -10.44
N TRP K 188 22.92 8.73 -10.49
CA TRP K 188 24.30 8.57 -10.97
C TRP K 188 25.00 7.55 -10.06
N THR K 189 24.85 7.72 -8.74
CA THR K 189 25.37 6.76 -7.79
C THR K 189 24.28 6.58 -6.74
N ILE K 190 24.46 5.57 -5.91
CA ILE K 190 23.48 5.27 -4.87
C ILE K 190 24.05 5.17 -3.45
N ARG K 191 23.27 5.58 -2.47
CA ARG K 191 23.56 5.26 -1.07
C ARG K 191 22.19 4.68 -0.71
N SER K 192 22.18 3.64 0.11
CA SER K 192 20.95 2.94 0.47
C SER K 192 19.87 3.75 1.14
N ASP K 193 20.24 4.86 1.78
CA ASP K 193 19.23 5.67 2.42
C ASP K 193 18.55 6.55 1.36
N ARG K 194 19.33 7.32 0.61
CA ARG K 194 18.77 8.22 -0.38
C ARG K 194 18.16 7.55 -1.59
N ALA K 195 18.44 6.26 -1.78
CA ALA K 195 17.83 5.57 -2.93
C ALA K 195 16.33 5.36 -2.73
N GLN K 196 15.87 5.38 -1.48
CA GLN K 196 14.47 5.10 -1.18
C GLN K 196 13.47 6.15 -1.66
N ASN K 197 13.93 7.34 -2.04
CA ASN K 197 12.95 8.27 -2.57
C ASN K 197 12.37 7.75 -3.91
N ALA K 198 13.02 6.77 -4.55
CA ALA K 198 12.44 6.21 -5.79
C ALA K 198 11.20 5.38 -5.42
N ARG K 199 11.25 4.73 -4.26
CA ARG K 199 10.12 3.92 -3.82
C ARG K 199 8.96 4.80 -3.40
N SER K 200 9.24 5.92 -2.70
CA SER K 200 8.14 6.78 -2.27
C SER K 200 7.50 7.48 -3.48
N GLU K 201 8.33 7.89 -4.44
CA GLU K 201 7.78 8.53 -5.65
C GLU K 201 6.93 7.52 -6.43
N GLY K 202 7.43 6.28 -6.51
CA GLY K 202 6.68 5.22 -7.19
C GLY K 202 5.35 4.97 -6.50
N LEU K 203 5.35 4.91 -5.17
CA LEU K 203 4.09 4.68 -4.44
C LEU K 203 3.10 5.83 -4.66
N ASN K 204 3.59 7.06 -4.75
CA ASN K 204 2.66 8.16 -5.01
C ASN K 204 2.01 8.03 -6.39
N LEU K 205 2.79 7.59 -7.37
CA LEU K 205 2.23 7.41 -8.71
C LEU K 205 1.18 6.29 -8.67
N VAL K 206 1.42 5.24 -7.88
CA VAL K 206 0.48 4.13 -7.78
C VAL K 206 -0.83 4.57 -7.09
N ARG K 207 -0.67 5.18 -5.93
CA ARG K 207 -1.82 5.55 -5.11
C ARG K 207 -2.73 6.64 -5.65
N ASN K 208 -2.20 7.52 -6.46
CA ASN K 208 -3.00 8.65 -6.96
C ASN K 208 -3.46 8.62 -8.40
N ARG K 209 -3.19 7.54 -9.12
CA ARG K 209 -3.54 7.49 -10.50
C ARG K 209 -5.02 7.30 -10.85
N LYS K 210 -5.38 7.84 -12.01
CA LYS K 210 -6.69 7.64 -12.61
C LYS K 210 -6.27 7.20 -14.02
N GLY K 211 -6.39 5.91 -14.30
CA GLY K 211 -5.98 5.40 -15.60
C GLY K 211 -4.87 4.38 -15.38
N ARG K 212 -4.26 3.88 -16.45
CA ARG K 212 -3.19 2.90 -16.33
C ARG K 212 -1.94 3.53 -15.73
N LEU K 213 -1.30 2.80 -14.83
CA LEU K 213 -0.08 3.27 -14.18
C LEU K 213 1.01 3.44 -15.25
N PRO K 214 1.80 4.51 -15.17
CA PRO K 214 2.88 4.69 -16.17
C PRO K 214 3.97 3.66 -15.86
N HIS K 215 4.89 3.47 -16.79
CA HIS K 215 6.07 2.67 -16.50
C HIS K 215 6.75 3.45 -15.33
N ILE K 216 7.33 2.73 -14.36
CA ILE K 216 8.06 3.36 -13.25
C ILE K 216 9.40 2.63 -13.20
N VAL K 217 10.45 3.30 -13.67
CA VAL K 217 11.77 2.65 -13.70
C VAL K 217 12.87 3.53 -13.11
N VAL K 218 14.02 2.93 -12.86
CA VAL K 218 15.16 3.67 -12.33
C VAL K 218 16.36 3.30 -13.22
N VAL K 219 17.14 4.31 -13.58
CA VAL K 219 18.37 4.07 -14.37
C VAL K 219 19.52 4.52 -13.46
N THR K 220 20.60 3.73 -13.40
CA THR K 220 21.70 4.12 -12.50
C THR K 220 23.06 3.75 -13.04
N ALA K 221 24.07 4.49 -12.60
CA ALA K 221 25.45 4.19 -12.97
C ALA K 221 26.18 3.64 -11.73
N GLU K 222 25.44 3.33 -10.65
CA GLU K 222 26.07 2.78 -9.44
C GLU K 222 26.86 1.50 -9.81
N PRO K 223 28.14 1.41 -9.44
CA PRO K 223 28.90 0.20 -9.80
C PRO K 223 28.71 -1.05 -8.94
N THR K 224 28.32 -0.89 -7.68
CA THR K 224 28.21 -2.06 -6.83
C THR K 224 26.86 -2.74 -6.76
N PRO K 225 26.84 -4.08 -6.90
CA PRO K 225 25.56 -4.78 -6.83
C PRO K 225 24.87 -4.51 -5.48
N SER K 226 25.62 -4.42 -4.38
CA SER K 226 25.02 -4.19 -3.07
C SER K 226 24.19 -2.90 -3.07
N ARG K 227 24.76 -1.82 -3.55
CA ARG K 227 23.98 -0.56 -3.55
C ARG K 227 22.84 -0.60 -4.57
N ILE K 228 23.07 -1.21 -5.72
CA ILE K 228 22.00 -1.31 -6.71
C ILE K 228 20.81 -2.08 -6.08
N SER K 229 21.11 -3.10 -5.28
CA SER K 229 20.05 -3.93 -4.70
C SER K 229 19.15 -3.16 -3.72
N SER K 230 19.64 -2.05 -3.16
CA SER K 230 18.82 -1.27 -2.22
C SER K 230 17.59 -0.70 -2.92
N ILE K 231 17.60 -0.65 -4.26
CA ILE K 231 16.40 -0.17 -4.96
C ILE K 231 15.82 -1.21 -5.91
N ALA K 232 16.66 -2.14 -6.39
CA ALA K 232 16.18 -3.15 -7.35
C ALA K 232 15.43 -4.34 -6.74
N LEU K 233 15.87 -4.80 -5.56
CA LEU K 233 15.22 -5.95 -4.94
C LEU K 233 13.81 -5.60 -4.46
N GLY K 234 12.92 -6.58 -4.50
CA GLY K 234 11.56 -6.33 -4.04
C GLY K 234 10.70 -5.90 -5.22
N THR K 235 9.38 -5.90 -5.00
CA THR K 235 8.42 -5.51 -6.05
C THR K 235 7.34 -4.67 -5.43
N GLY K 236 6.62 -3.92 -6.27
CA GLY K 236 5.50 -3.13 -5.75
C GLY K 236 5.59 -1.65 -6.06
N GLU K 237 6.80 -1.09 -6.06
CA GLU K 237 6.98 0.34 -6.33
C GLU K 237 7.69 0.58 -7.68
N ILE K 238 8.76 -0.17 -7.91
CA ILE K 238 9.60 -0.02 -9.10
C ILE K 238 9.44 -1.20 -10.06
N ASP K 239 9.16 -0.90 -11.32
CA ASP K 239 8.95 -1.96 -12.32
C ASP K 239 10.23 -2.74 -12.55
N CYS K 240 11.34 -2.03 -12.67
CA CYS K 240 12.64 -2.65 -12.94
C CYS K 240 13.71 -1.56 -12.89
N VAL K 241 14.97 -1.96 -12.70
CA VAL K 241 16.08 -1.02 -12.66
C VAL K 241 16.98 -1.33 -13.88
N TYR K 242 17.57 -0.30 -14.46
CA TYR K 242 18.42 -0.46 -15.63
C TYR K 242 19.79 0.13 -15.34
N HIS K 243 20.83 -0.67 -15.57
CA HIS K 243 22.21 -0.25 -15.30
C HIS K 243 22.87 0.35 -16.54
N PHE K 244 23.67 1.41 -16.36
CA PHE K 244 24.27 2.09 -17.50
C PHE K 244 25.32 1.27 -18.27
N ALA K 245 25.83 0.22 -17.65
CA ALA K 245 26.87 -0.60 -18.32
C ALA K 245 26.79 -2.01 -17.75
N LEU K 246 25.68 -2.67 -17.99
CA LEU K 246 25.46 -3.98 -17.40
C LEU K 246 26.45 -5.06 -17.87
N TYR K 247 26.72 -5.11 -19.18
CA TYR K 247 27.61 -6.14 -19.72
C TYR K 247 29.02 -6.02 -19.15
N GLU K 248 29.48 -4.78 -19.03
CA GLU K 248 30.79 -4.50 -18.49
C GLU K 248 30.82 -4.84 -16.99
N LEU K 249 29.76 -4.48 -16.26
CA LEU K 249 29.68 -4.81 -14.84
C LEU K 249 29.79 -6.33 -14.65
N GLU K 250 29.09 -7.09 -15.49
CA GLU K 250 29.13 -8.54 -15.38
C GLU K 250 30.54 -9.06 -15.65
N GLN K 251 31.17 -8.55 -16.70
CA GLN K 251 32.52 -9.00 -17.08
C GLN K 251 33.54 -8.75 -15.96
N ILE K 252 33.52 -7.55 -15.37
CA ILE K 252 34.47 -7.24 -14.31
C ILE K 252 34.20 -8.04 -13.04
N LEU K 253 32.92 -8.32 -12.76
CA LEU K 253 32.57 -9.11 -11.58
C LEU K 253 33.15 -10.51 -11.75
N GLN K 254 33.12 -11.00 -12.98
CA GLN K 254 33.64 -12.34 -13.29
C GLN K 254 35.17 -12.35 -13.10
N SER K 255 35.83 -11.27 -13.52
CA SER K 255 37.29 -11.18 -13.40
C SER K 255 37.82 -10.96 -12.00
N LEU K 256 37.09 -10.21 -11.19
CA LEU K 256 37.52 -9.91 -9.84
C LEU K 256 37.33 -10.91 -8.69
N ASN K 257 36.54 -11.95 -8.86
CA ASN K 257 36.42 -12.89 -7.75
C ASN K 257 35.67 -12.33 -6.51
N TYR K 258 34.73 -11.41 -6.71
CA TYR K 258 33.94 -10.90 -5.58
C TYR K 258 32.71 -11.81 -5.71
N GLU K 259 32.76 -12.99 -5.09
CA GLU K 259 31.67 -13.93 -5.25
C GLU K 259 30.32 -13.55 -4.70
N ASP K 260 30.29 -12.80 -3.60
CA ASP K 260 29.01 -12.39 -3.02
C ASP K 260 28.33 -11.38 -3.97
N ALA K 261 29.13 -10.47 -4.53
CA ALA K 261 28.62 -9.45 -5.46
C ALA K 261 28.14 -10.09 -6.75
N LEU K 262 28.88 -11.10 -7.23
CA LEU K 262 28.50 -11.79 -8.45
C LEU K 262 27.16 -12.51 -8.22
N ASP K 263 27.04 -13.18 -7.08
CA ASP K 263 25.82 -13.88 -6.73
C ASP K 263 24.64 -12.90 -6.68
N LEU K 264 24.86 -11.74 -6.06
CA LEU K 264 23.80 -10.72 -5.94
C LEU K 264 23.41 -10.18 -7.31
N PHE K 265 24.41 -9.93 -8.13
CA PHE K 265 24.19 -9.48 -9.51
C PHE K 265 23.23 -10.45 -10.21
N TYR K 266 23.53 -11.76 -10.17
CA TYR K 266 22.67 -12.73 -10.82
C TYR K 266 21.28 -12.89 -10.21
N ILE K 267 21.14 -12.71 -8.90
CA ILE K 267 19.82 -12.77 -8.29
C ILE K 267 18.99 -11.64 -8.92
N MET K 268 19.57 -10.45 -9.03
CA MET K 268 18.81 -9.35 -9.61
C MET K 268 18.54 -9.50 -11.09
N VAL K 269 19.52 -9.95 -11.85
CA VAL K 269 19.34 -10.12 -13.29
C VAL K 269 18.46 -11.32 -13.64
N ASN K 270 18.73 -12.49 -13.06
CA ASN K 270 17.90 -13.66 -13.35
C ASN K 270 16.51 -13.43 -12.78
N GLY K 271 16.44 -12.60 -11.74
CA GLY K 271 15.18 -12.29 -11.09
C GLY K 271 14.39 -11.14 -11.72
N LYS K 272 14.82 -10.71 -12.88
CA LYS K 272 14.16 -9.63 -13.62
C LYS K 272 13.96 -8.35 -12.83
N ARG K 273 14.99 -8.00 -12.06
CA ARG K 273 14.95 -6.75 -11.30
C ARG K 273 15.98 -5.77 -11.84
N LEU K 274 16.90 -6.26 -12.67
CA LEU K 274 17.96 -5.42 -13.21
C LEU K 274 18.25 -5.81 -14.65
N LYS K 275 18.33 -4.79 -15.52
CA LYS K 275 18.61 -5.01 -16.94
C LYS K 275 19.65 -3.99 -17.41
N ASP K 276 19.94 -3.97 -18.70
CA ASP K 276 20.89 -3.00 -19.24
C ASP K 276 20.13 -1.76 -19.73
N ILE K 277 20.86 -0.66 -19.83
CA ILE K 277 20.28 0.57 -20.37
C ILE K 277 19.67 0.31 -21.76
N SER K 278 20.29 -0.57 -22.55
CA SER K 278 19.76 -0.84 -23.91
C SER K 278 18.41 -1.58 -23.93
N ASP K 279 18.00 -2.14 -22.79
CA ASP K 279 16.73 -2.85 -22.68
C ASP K 279 15.60 -1.85 -22.45
N LEU K 280 15.94 -0.69 -21.90
CA LEU K 280 14.88 0.28 -21.58
C LEU K 280 13.96 0.75 -22.73
N PRO K 281 14.51 1.18 -23.88
CA PRO K 281 13.65 1.63 -24.98
C PRO K 281 12.63 0.58 -25.37
N LEU K 282 13.07 -0.67 -25.53
CA LEU K 282 12.12 -1.73 -25.87
C LEU K 282 11.13 -2.01 -24.74
N ASP K 283 11.57 -1.92 -23.48
CA ASP K 283 10.66 -2.18 -22.36
C ASP K 283 9.60 -1.08 -22.31
N LEU K 284 9.92 0.08 -22.86
CA LEU K 284 8.93 1.19 -22.89
C LEU K 284 7.90 0.97 -24.02
N ALA K 285 8.09 -0.06 -24.83
CA ALA K 285 7.15 -0.34 -25.92
C ALA K 285 6.12 -1.42 -25.62
N VAL K 286 6.08 -1.98 -24.40
CA VAL K 286 5.11 -3.04 -24.15
C VAL K 286 3.64 -2.61 -24.32
N MET L 1 11.54 24.32 34.30
CA MET L 1 10.45 24.10 35.29
C MET L 1 10.76 22.90 36.14
N GLN L 2 9.76 22.46 36.88
CA GLN L 2 9.97 21.33 37.73
C GLN L 2 9.28 20.05 37.30
N PRO L 3 8.25 20.08 36.41
CA PRO L 3 7.67 18.75 36.09
C PRO L 3 8.81 17.87 35.60
N LEU L 4 8.75 16.56 35.88
CA LEU L 4 9.86 15.70 35.48
C LEU L 4 10.03 15.59 33.95
N PHE L 5 8.95 15.62 33.19
CA PHE L 5 9.14 15.53 31.74
C PHE L 5 9.82 16.80 31.22
N THR L 6 9.60 17.93 31.90
CA THR L 6 10.23 19.18 31.51
C THR L 6 11.73 19.07 31.85
N GLN L 7 12.03 18.48 33.01
CA GLN L 7 13.43 18.32 33.41
C GLN L 7 14.12 17.35 32.45
N GLU L 8 13.42 16.28 32.08
CA GLU L 8 14.00 15.28 31.19
C GLU L 8 14.24 15.86 29.80
N ARG L 9 13.33 16.72 29.34
CA ARG L 9 13.49 17.38 28.05
C ARG L 9 14.74 18.26 28.09
N ARG L 10 14.97 18.95 29.21
CA ARG L 10 16.15 19.80 29.35
C ARG L 10 17.41 18.95 29.41
N ILE L 11 17.35 17.82 30.11
CA ILE L 11 18.48 16.91 30.19
C ILE L 11 18.85 16.44 28.77
N PHE L 12 17.83 16.18 27.96
CA PHE L 12 18.02 15.78 26.54
C PHE L 12 18.77 16.89 25.77
N HIS L 13 18.29 18.13 25.88
CA HIS L 13 18.98 19.23 25.20
C HIS L 13 20.39 19.40 25.73
N LYS L 14 20.55 19.27 27.05
CA LYS L 14 21.87 19.48 27.65
C LYS L 14 22.87 18.42 27.20
N LYS L 15 22.42 17.19 26.95
CA LYS L 15 23.33 16.17 26.45
C LYS L 15 23.81 16.57 25.06
N LEU L 16 22.91 17.12 24.25
CA LEU L 16 23.30 17.55 22.90
C LEU L 16 24.31 18.70 22.99
N LEU L 17 24.06 19.65 23.90
CA LEU L 17 24.96 20.77 24.06
C LEU L 17 26.31 20.34 24.66
N ASP L 18 26.27 19.55 25.72
CA ASP L 18 27.51 19.16 26.38
C ASP L 18 28.41 18.30 25.52
N GLY L 19 27.83 17.55 24.57
CA GLY L 19 28.68 16.74 23.72
C GLY L 19 29.06 17.47 22.44
N ASN L 20 28.73 18.76 22.36
CA ASN L 20 29.00 19.57 21.18
C ASN L 20 28.28 19.08 19.92
N ILE L 21 27.22 18.29 20.11
CA ILE L 21 26.42 17.80 18.97
C ILE L 21 25.70 19.03 18.45
N LEU L 22 25.11 19.80 19.38
CA LEU L 22 24.47 21.05 19.03
C LEU L 22 25.42 22.13 19.54
N ALA L 23 26.01 22.89 18.60
CA ALA L 23 26.95 23.96 18.93
C ALA L 23 26.95 24.93 17.75
N THR L 24 27.74 26.00 17.86
CA THR L 24 27.83 26.99 16.79
C THR L 24 29.29 27.10 16.32
N ASN L 25 29.54 27.10 15.00
CA ASN L 25 30.94 27.22 14.59
C ASN L 25 31.35 28.71 14.54
N ASN L 26 32.62 28.96 14.20
CA ASN L 26 33.11 30.33 14.19
C ASN L 26 32.60 31.22 13.05
N ARG L 27 31.72 30.67 12.20
CA ARG L 27 31.10 31.45 11.14
C ARG L 27 29.65 31.73 11.55
N GLY L 28 29.28 31.29 12.76
CA GLY L 28 27.93 31.52 13.25
C GLY L 28 26.91 30.44 12.87
N VAL L 29 27.35 29.39 12.19
CA VAL L 29 26.43 28.33 11.78
C VAL L 29 26.19 27.30 12.88
N VAL L 30 24.94 27.15 13.29
CA VAL L 30 24.58 26.16 14.31
C VAL L 30 24.64 24.79 13.63
N SER L 31 25.09 23.78 14.37
CA SER L 31 25.33 22.45 13.83
C SER L 31 24.17 21.62 13.30
N ASN L 32 22.93 22.06 13.52
CA ASN L 32 21.82 21.35 12.90
C ASN L 32 21.27 22.18 11.72
N ALA L 33 21.96 23.28 11.39
CA ALA L 33 21.56 24.12 10.26
C ALA L 33 22.26 23.74 8.97
N ASP L 34 21.68 24.21 7.86
CA ASP L 34 22.27 24.05 6.52
C ASP L 34 22.83 25.48 6.35
N GLY L 35 24.15 25.64 6.51
CA GLY L 35 24.77 26.95 6.42
C GLY L 35 24.54 27.77 5.16
N SER L 36 24.26 27.09 4.05
CA SER L 36 24.01 27.76 2.76
C SER L 36 22.58 28.29 2.71
N ASN L 37 21.76 27.86 3.67
CA ASN L 37 20.35 28.20 3.71
C ASN L 37 20.05 29.29 4.73
N THR L 38 19.71 30.48 4.25
CA THR L 38 19.44 31.60 5.16
C THR L 38 18.43 31.29 6.27
N ARG L 39 17.27 30.76 5.91
CA ARG L 39 16.26 30.50 6.94
C ARG L 39 16.66 29.40 7.90
N SER L 40 17.37 28.39 7.40
CA SER L 40 17.86 27.31 8.26
C SER L 40 18.82 27.90 9.30
N PHE L 41 19.74 28.75 8.81
CA PHE L 41 20.74 29.38 9.67
C PHE L 41 20.05 30.19 10.77
N ASN L 42 19.11 31.04 10.38
CA ASN L 42 18.45 31.89 11.36
C ASN L 42 17.54 31.17 12.33
N ILE L 43 16.80 30.18 11.85
CA ILE L 43 15.92 29.42 12.74
C ILE L 43 16.78 28.63 13.73
N ALA L 44 17.84 27.98 13.24
CA ALA L 44 18.70 27.18 14.10
C ALA L 44 19.39 28.04 15.16
N LYS L 45 19.81 29.25 14.76
CA LYS L 45 20.46 30.16 15.70
C LYS L 45 19.46 30.56 16.78
N GLY L 46 18.22 30.86 16.39
CA GLY L 46 17.18 31.23 17.35
C GLY L 46 16.94 30.13 18.37
N ILE L 47 16.87 28.90 17.88
CA ILE L 47 16.65 27.77 18.78
C ILE L 47 17.83 27.58 19.73
N ALA L 48 19.06 27.69 19.21
CA ALA L 48 20.25 27.54 20.03
C ALA L 48 20.25 28.63 21.13
N ASP L 49 19.87 29.84 20.77
CA ASP L 49 19.80 30.92 21.75
C ASP L 49 18.77 30.58 22.85
N LEU L 50 17.60 30.08 22.46
CA LEU L 50 16.57 29.74 23.45
C LEU L 50 16.96 28.51 24.30
N LEU L 51 17.92 27.73 23.81
CA LEU L 51 18.42 26.59 24.58
C LEU L 51 19.63 27.05 25.41
N HIS L 52 19.96 28.33 25.31
CA HIS L 52 21.10 28.92 26.03
C HIS L 52 22.42 28.29 25.62
N SER L 53 22.57 28.04 24.33
CA SER L 53 23.80 27.43 23.82
C SER L 53 24.91 28.49 23.67
N GLU L 54 26.09 28.22 24.20
CA GLU L 54 27.19 29.20 24.07
C GLU L 54 28.48 28.64 23.48
N THR L 55 28.64 27.32 23.48
CA THR L 55 29.86 26.72 22.94
C THR L 55 30.10 26.96 21.45
N VAL L 56 31.35 27.31 21.11
CA VAL L 56 31.76 27.52 19.73
C VAL L 56 32.70 26.36 19.42
N SER L 57 32.39 25.60 18.37
CA SER L 57 33.19 24.47 17.97
C SER L 57 32.80 24.10 16.53
N GLU L 58 33.70 23.41 15.84
CA GLU L 58 33.41 23.01 14.47
C GLU L 58 32.33 21.94 14.51
N ARG L 59 31.55 21.91 13.43
CA ARG L 59 30.48 20.95 13.29
C ARG L 59 31.08 19.54 13.39
N LEU L 60 30.38 18.63 14.07
CA LEU L 60 30.90 17.27 14.16
C LEU L 60 30.59 16.53 12.87
N PRO L 61 31.36 15.47 12.56
CA PRO L 61 31.10 14.68 11.35
C PRO L 61 29.64 14.19 11.43
N GLY L 62 28.99 14.08 10.28
CA GLY L 62 27.60 13.62 10.24
C GLY L 62 27.42 12.25 10.85
N GLN L 63 28.39 11.36 10.72
CA GLN L 63 28.22 10.04 11.30
C GLN L 63 28.19 10.11 12.84
N THR L 64 28.94 11.06 13.40
CA THR L 64 29.03 11.26 14.85
C THR L 64 27.72 11.82 15.36
N SER L 65 27.24 12.90 14.74
CA SER L 65 25.97 13.51 15.19
C SER L 65 24.76 12.57 15.00
N GLY L 66 24.75 11.81 13.89
CA GLY L 66 23.65 10.88 13.65
C GLY L 66 23.59 9.82 14.75
N ASN L 67 24.73 9.23 15.07
CA ASN L 67 24.77 8.22 16.13
C ASN L 67 24.47 8.82 17.50
N ALA L 68 25.06 9.97 17.81
CA ALA L 68 24.83 10.58 19.12
C ALA L 68 23.37 10.97 19.29
N PHE L 69 22.75 11.49 18.22
CA PHE L 69 21.35 11.89 18.33
C PHE L 69 20.46 10.67 18.63
N GLU L 70 20.75 9.54 17.98
CA GLU L 70 20.00 8.31 18.25
C GLU L 70 20.18 7.91 19.72
N ALA L 71 21.42 7.91 20.18
CA ALA L 71 21.69 7.53 21.57
C ALA L 71 20.98 8.41 22.57
N ILE L 72 21.05 9.72 22.39
CA ILE L 72 20.43 10.66 23.32
C ILE L 72 18.90 10.56 23.29
N CYS L 73 18.33 10.40 22.10
CA CYS L 73 16.87 10.20 21.99
C CYS L 73 16.48 8.91 22.73
N SER L 74 17.29 7.87 22.56
CA SER L 74 17.00 6.58 23.22
C SER L 74 16.96 6.76 24.74
N GLU L 75 17.96 7.44 25.28
CA GLU L 75 18.01 7.68 26.73
C GLU L 75 16.85 8.51 27.24
N PHE L 76 16.43 9.52 26.47
CA PHE L 76 15.29 10.32 26.88
C PHE L 76 14.03 9.46 26.92
N VAL L 77 13.79 8.68 25.85
CA VAL L 77 12.60 7.85 25.82
C VAL L 77 12.59 6.83 26.96
N GLN L 78 13.74 6.20 27.20
CA GLN L 78 13.83 5.21 28.27
C GLN L 78 13.52 5.85 29.62
N SER L 79 14.13 7.00 29.91
CA SER L 79 13.92 7.67 31.20
C SER L 79 12.49 8.11 31.44
N ALA L 80 11.90 8.73 30.43
CA ALA L 80 10.56 9.24 30.56
C ALA L 80 9.48 8.18 30.53
N PHE L 81 9.60 7.23 29.61
CA PHE L 81 8.59 6.18 29.50
C PHE L 81 8.53 5.30 30.75
N GLU L 82 9.65 5.16 31.44
CA GLU L 82 9.74 4.33 32.64
C GLU L 82 8.80 4.86 33.72
N LYS L 83 8.56 6.16 33.67
CA LYS L 83 7.68 6.81 34.65
C LYS L 83 6.19 6.61 34.38
N LEU L 84 5.86 5.95 33.26
CA LEU L 84 4.46 5.75 32.90
C LEU L 84 3.94 4.32 33.14
N GLN L 85 4.62 3.57 34.00
CA GLN L 85 4.23 2.19 34.29
C GLN L 85 2.78 2.04 34.74
N HIS L 86 2.25 3.05 35.43
CA HIS L 86 0.85 2.95 35.89
C HIS L 86 -0.17 3.19 34.79
N ILE L 87 0.26 3.79 33.69
CA ILE L 87 -0.57 4.09 32.53
C ILE L 87 -0.39 3.02 31.44
N ARG L 88 0.80 2.40 31.43
CA ARG L 88 1.13 1.38 30.40
C ARG L 88 2.14 0.45 31.04
N PRO L 89 1.66 -0.48 31.89
CA PRO L 89 2.56 -1.41 32.57
C PRO L 89 3.20 -2.44 31.66
N GLY L 90 4.30 -3.01 32.15
CA GLY L 90 5.00 -4.02 31.40
C GLY L 90 6.49 -4.01 31.66
N ASP L 91 7.18 -5.02 31.14
CA ASP L 91 8.62 -5.13 31.30
C ASP L 91 9.16 -4.64 29.96
N TRP L 92 9.44 -3.34 29.94
CA TRP L 92 9.87 -2.64 28.73
C TRP L 92 11.37 -2.49 28.56
N ASN L 93 11.81 -2.54 27.29
CA ASN L 93 13.21 -2.35 26.95
C ASN L 93 13.30 -1.30 25.83
N VAL L 94 14.25 -0.39 25.94
CA VAL L 94 14.44 0.63 24.90
C VAL L 94 15.89 0.49 24.48
N LYS L 95 16.13 0.33 23.19
CA LYS L 95 17.51 0.19 22.76
C LYS L 95 17.81 0.71 21.38
N GLN L 96 18.99 1.30 21.27
CA GLN L 96 19.47 1.82 20.00
C GLN L 96 20.03 0.63 19.27
N VAL L 97 19.56 0.40 18.04
CA VAL L 97 20.06 -0.72 17.24
C VAL L 97 20.59 -0.24 15.89
N GLY L 98 19.69 0.02 14.94
CA GLY L 98 20.10 0.50 13.62
C GLY L 98 20.97 -0.50 12.86
N SER L 99 22.10 -0.06 12.34
CA SER L 99 22.99 -0.94 11.59
C SER L 99 23.86 -1.88 12.42
N ARG L 100 23.71 -1.88 13.75
CA ARG L 100 24.51 -2.78 14.58
C ARG L 100 24.07 -4.21 14.33
N ASN L 101 22.95 -4.36 13.62
CA ASN L 101 22.44 -5.67 13.29
C ASN L 101 21.26 -5.63 12.35
N ARG L 102 21.26 -6.51 11.36
CA ARG L 102 20.13 -6.56 10.46
C ARG L 102 19.26 -7.73 10.89
N LEU L 103 17.96 -7.64 10.59
CA LEU L 103 17.00 -8.66 10.95
C LEU L 103 16.79 -8.72 12.47
N GLU L 104 17.15 -7.64 13.16
CA GLU L 104 16.95 -7.56 14.59
C GLU L 104 15.43 -7.66 14.85
N ILE L 105 14.61 -7.12 13.95
CA ILE L 105 13.17 -7.19 14.20
C ILE L 105 12.60 -8.61 14.13
N ALA L 106 13.34 -9.53 13.51
CA ALA L 106 12.88 -10.92 13.44
C ALA L 106 13.05 -11.58 14.81
N ARG L 107 13.65 -10.85 15.74
CA ARG L 107 13.79 -11.36 17.10
C ARG L 107 12.48 -11.13 17.85
N TYR L 108 11.55 -10.38 17.24
CA TYR L 108 10.28 -10.11 17.91
C TYR L 108 9.11 -10.78 17.24
N GLN L 109 8.11 -11.09 18.06
CA GLN L 109 6.93 -11.83 17.68
C GLN L 109 6.24 -11.47 16.37
N GLN L 110 5.92 -10.19 16.15
CA GLN L 110 5.23 -9.84 14.93
C GLN L 110 6.01 -9.99 13.64
N TYR L 111 7.33 -10.20 13.73
CA TYR L 111 8.15 -10.32 12.54
C TYR L 111 9.06 -11.55 12.59
N ALA L 112 8.75 -12.47 13.49
CA ALA L 112 9.52 -13.70 13.65
C ALA L 112 9.67 -14.49 12.35
N HIS L 113 8.65 -14.43 11.51
CA HIS L 113 8.66 -15.18 10.25
C HIS L 113 9.66 -14.69 9.20
N LEU L 114 10.24 -13.52 9.41
CA LEU L 114 11.18 -13.01 8.43
C LEU L 114 12.44 -13.89 8.42
N THR L 115 12.72 -14.58 9.52
CA THR L 115 13.88 -15.48 9.55
C THR L 115 13.66 -16.60 8.54
N ALA L 116 12.46 -17.17 8.55
CA ALA L 116 12.11 -18.25 7.62
C ALA L 116 12.15 -17.77 6.17
N LEU L 117 11.70 -16.54 5.92
CA LEU L 117 11.72 -16.02 4.55
C LEU L 117 13.19 -15.86 4.11
N ALA L 118 14.02 -15.33 4.99
CA ALA L 118 15.44 -15.15 4.66
C ALA L 118 16.12 -16.51 4.42
N LYS L 119 15.75 -17.53 5.20
CA LYS L 119 16.34 -18.87 5.01
C LYS L 119 15.90 -19.43 3.68
N ALA L 120 14.64 -19.23 3.33
CA ALA L 120 14.11 -19.71 2.04
C ALA L 120 14.82 -18.99 0.88
N ALA L 121 15.02 -17.68 1.00
CA ALA L 121 15.69 -16.94 -0.08
C ALA L 121 17.13 -17.40 -0.20
N GLU L 122 17.69 -17.82 0.92
CA GLU L 122 19.07 -18.28 0.98
C GLU L 122 19.28 -19.55 0.17
N GLU L 123 18.20 -20.31 -0.03
CA GLU L 123 18.33 -21.53 -0.81
C GLU L 123 17.67 -21.42 -2.18
N ASN L 124 16.87 -20.36 -2.37
CA ASN L 124 16.26 -20.11 -3.67
C ASN L 124 16.44 -18.66 -4.09
N PRO L 125 17.31 -18.43 -5.08
CA PRO L 125 17.59 -17.09 -5.58
C PRO L 125 16.35 -16.22 -5.77
N GLU L 126 15.51 -16.60 -6.74
CA GLU L 126 14.30 -15.87 -7.04
C GLU L 126 13.62 -15.26 -5.84
N LEU L 127 13.20 -16.11 -4.91
CA LEU L 127 12.54 -15.63 -3.69
C LEU L 127 13.19 -14.32 -3.30
N ALA L 128 14.52 -14.29 -3.35
CA ALA L 128 15.29 -13.10 -2.99
C ALA L 128 14.93 -11.90 -3.86
N ALA L 129 14.78 -12.12 -5.17
CA ALA L 129 14.45 -11.04 -6.09
C ALA L 129 13.04 -10.50 -5.86
N ALA L 130 12.11 -11.39 -5.50
CA ALA L 130 10.73 -10.99 -5.25
C ALA L 130 10.53 -10.48 -3.82
N LEU L 131 11.04 -11.22 -2.84
CA LEU L 131 10.86 -10.82 -1.44
C LEU L 131 11.66 -9.56 -1.10
N GLY L 132 12.81 -9.40 -1.74
CA GLY L 132 13.63 -8.24 -1.45
C GLY L 132 14.57 -8.52 -0.29
N SER L 133 15.20 -7.47 0.23
CA SER L 133 16.13 -7.62 1.33
C SER L 133 15.94 -6.54 2.38
N ASP L 134 15.22 -5.48 2.01
CA ASP L 134 15.05 -4.38 2.95
C ASP L 134 14.17 -4.70 4.16
N TYR L 135 13.43 -5.79 4.13
CA TYR L 135 12.61 -6.14 5.28
C TYR L 135 13.52 -6.49 6.47
N THR L 136 14.83 -6.61 6.18
CA THR L 136 15.82 -6.93 7.20
C THR L 136 16.38 -5.68 7.89
N ILE L 137 16.01 -4.50 7.41
CA ILE L 137 16.53 -3.25 7.98
C ILE L 137 15.95 -2.93 9.33
N THR L 138 16.84 -2.71 10.29
CA THR L 138 16.42 -2.44 11.66
C THR L 138 16.22 -0.95 11.96
N PRO L 139 15.18 -0.65 12.76
CA PRO L 139 14.87 0.73 13.16
C PRO L 139 16.04 1.27 13.97
N ASP L 140 16.20 2.59 13.98
CA ASP L 140 17.26 3.22 14.74
C ASP L 140 17.16 2.87 16.22
N ILE L 141 15.95 2.98 16.76
CA ILE L 141 15.71 2.67 18.16
C ILE L 141 14.45 1.80 18.21
N ILE L 142 14.44 0.78 19.06
CA ILE L 142 13.23 -0.02 19.22
C ILE L 142 12.81 -0.03 20.69
N VAL L 143 11.52 -0.17 20.93
CA VAL L 143 11.02 -0.32 22.29
C VAL L 143 10.35 -1.69 22.21
N THR L 144 10.65 -2.56 23.16
CA THR L 144 10.08 -3.90 23.16
C THR L 144 9.43 -4.20 24.50
N ARG L 145 8.53 -5.20 24.50
CA ARG L 145 7.86 -5.62 25.73
C ARG L 145 8.11 -7.11 25.96
N ASN L 146 8.58 -7.45 27.15
CA ASN L 146 8.81 -8.86 27.45
C ASN L 146 7.47 -9.50 27.79
N LEU L 147 7.39 -10.82 27.63
CA LEU L 147 6.14 -11.54 27.87
C LEU L 147 5.82 -11.69 29.35
N ILE L 148 4.57 -12.07 29.64
CA ILE L 148 4.04 -12.17 31.00
C ILE L 148 3.74 -13.58 31.52
N ALA L 149 4.08 -13.82 32.78
CA ALA L 149 3.84 -15.12 33.40
C ALA L 149 2.39 -15.24 33.81
N ASP L 150 1.90 -16.48 33.92
CA ASP L 150 0.51 -16.70 34.34
C ASP L 150 0.24 -16.06 35.70
N ALA L 151 1.25 -16.05 36.56
CA ALA L 151 1.08 -15.46 37.89
C ALA L 151 0.63 -14.00 37.82
N GLU L 152 1.13 -13.26 36.83
CA GLU L 152 0.77 -11.84 36.65
C GLU L 152 -0.62 -11.69 36.00
N ILE L 153 -0.87 -12.48 34.95
CA ILE L 153 -2.18 -12.41 34.30
C ILE L 153 -3.23 -12.72 35.38
N ASN L 154 -2.94 -13.74 36.21
CA ASN L 154 -3.86 -14.17 37.27
C ASN L 154 -3.56 -13.48 38.60
N ARG L 155 -3.02 -12.28 38.53
CA ARG L 155 -2.68 -11.55 39.76
C ARG L 155 -3.88 -11.37 40.69
N ASN L 156 -5.02 -10.98 40.14
CA ASN L 156 -6.22 -10.72 40.93
C ASN L 156 -7.33 -11.76 40.87
N GLU L 157 -7.36 -12.51 39.78
CA GLU L 157 -8.38 -13.52 39.58
C GLU L 157 -7.78 -14.67 38.81
N PHE L 158 -8.45 -15.81 38.83
CA PHE L 158 -7.96 -16.97 38.10
C PHE L 158 -8.52 -16.87 36.70
N LEU L 159 -7.78 -16.18 35.82
CA LEU L 159 -8.22 -15.97 34.46
C LEU L 159 -7.84 -17.04 33.43
N VAL L 160 -6.61 -17.54 33.51
CA VAL L 160 -6.16 -18.53 32.54
C VAL L 160 -5.40 -19.71 33.14
N ASP L 161 -5.39 -20.80 32.39
CA ASP L 161 -4.63 -22.00 32.73
C ASP L 161 -4.03 -22.48 31.39
N GLU L 162 -3.43 -23.66 31.33
CA GLU L 162 -2.81 -24.10 30.08
C GLU L 162 -3.76 -24.52 28.97
N ASN L 163 -5.07 -24.53 29.22
CA ASN L 163 -6.00 -24.97 28.19
C ASN L 163 -6.92 -23.90 27.63
N ILE L 164 -6.62 -22.63 27.89
CA ILE L 164 -7.44 -21.54 27.40
C ILE L 164 -6.48 -20.41 26.99
N ALA L 165 -6.85 -19.60 25.99
CA ALA L 165 -6.01 -18.50 25.51
C ALA L 165 -4.58 -19.01 25.32
N THR L 166 -4.46 -20.15 24.64
CA THR L 166 -3.16 -20.77 24.45
C THR L 166 -2.26 -20.15 23.41
N TYR L 167 -2.80 -19.23 22.59
CA TYR L 167 -2.02 -18.57 21.55
C TYR L 167 -1.84 -17.05 21.81
N ALA L 168 -2.35 -16.58 22.95
CA ALA L 168 -2.24 -15.14 23.26
C ALA L 168 -0.77 -14.70 23.24
N SER L 169 -0.48 -13.66 22.48
CA SER L 169 0.89 -13.16 22.32
C SER L 169 1.66 -12.83 23.60
N LEU L 170 0.97 -12.30 24.60
CA LEU L 170 1.61 -11.92 25.86
C LEU L 170 2.12 -13.06 26.72
N ARG L 171 1.59 -14.26 26.54
CA ARG L 171 1.98 -15.38 27.38
C ARG L 171 3.35 -15.96 27.08
N ALA L 172 4.16 -16.04 28.13
CA ALA L 172 5.50 -16.58 28.01
C ALA L 172 5.42 -18.11 28.00
N GLY L 173 6.33 -18.79 27.31
CA GLY L 173 6.26 -20.25 27.35
C GLY L 173 6.52 -21.18 26.18
N ASN L 174 6.07 -20.82 24.98
CA ASN L 174 6.30 -21.70 23.82
C ASN L 174 7.27 -21.11 22.80
N GLY L 175 8.47 -20.78 23.25
CA GLY L 175 9.46 -20.20 22.36
C GLY L 175 9.06 -18.83 21.83
N ASN L 176 7.85 -18.39 22.16
CA ASN L 176 7.35 -17.09 21.73
C ASN L 176 8.29 -15.98 22.19
N MET L 177 8.57 -15.05 21.29
CA MET L 177 9.49 -13.96 21.57
C MET L 177 8.85 -12.69 22.12
N PRO L 178 9.69 -11.70 22.54
CA PRO L 178 9.06 -10.49 23.05
C PRO L 178 8.39 -9.73 21.91
N LEU L 179 7.55 -8.77 22.27
CA LEU L 179 6.82 -7.98 21.28
C LEU L 179 7.51 -6.67 20.92
N LEU L 180 7.44 -6.29 19.65
CA LEU L 180 8.01 -5.01 19.25
C LEU L 180 6.93 -3.96 19.50
N HIS L 181 7.24 -2.99 20.38
CA HIS L 181 6.29 -1.94 20.74
C HIS L 181 6.39 -0.70 19.84
N ALA L 182 7.62 -0.30 19.52
CA ALA L 182 7.81 0.89 18.70
C ALA L 182 9.07 0.88 17.87
N SER L 183 8.98 1.50 16.70
CA SER L 183 10.11 1.73 15.83
C SER L 183 10.29 3.28 15.90
N ILE L 184 11.46 3.73 16.34
CA ILE L 184 11.72 5.17 16.44
C ILE L 184 12.87 5.52 15.52
N SER L 185 12.57 6.25 14.46
CA SER L 185 13.59 6.66 13.47
C SER L 185 14.09 8.03 13.88
N CYS L 186 15.41 8.23 13.79
CA CYS L 186 15.98 9.53 14.14
C CYS L 186 16.66 10.16 12.95
N LYS L 187 16.51 11.47 12.81
CA LYS L 187 17.20 12.20 11.74
C LYS L 187 17.70 13.50 12.35
N TRP L 188 19.02 13.64 12.50
CA TRP L 188 19.60 14.87 13.07
C TRP L 188 19.20 16.09 12.21
N THR L 189 19.36 15.95 10.90
CA THR L 189 18.93 16.97 9.95
C THR L 189 18.29 16.18 8.81
N ILE L 190 17.60 16.91 7.94
CA ILE L 190 16.89 16.32 6.83
C ILE L 190 17.22 16.94 5.49
N ARG L 191 17.21 16.10 4.44
CA ARG L 191 17.20 16.58 3.05
C ARG L 191 15.99 15.75 2.54
N SER L 192 15.19 16.35 1.66
CA SER L 192 13.96 15.68 1.23
C SER L 192 14.13 14.35 0.53
N ASP L 193 15.31 14.09 -0.05
CA ASP L 193 15.53 12.80 -0.69
C ASP L 193 15.82 11.72 0.33
N ARG L 194 16.79 11.98 1.21
CA ARG L 194 17.18 10.97 2.19
C ARG L 194 16.20 10.77 3.32
N ALA L 195 15.23 11.69 3.45
CA ALA L 195 14.23 11.53 4.50
C ALA L 195 13.24 10.40 4.17
N GLN L 196 13.14 10.03 2.89
CA GLN L 196 12.16 9.05 2.48
C GLN L 196 12.39 7.61 2.94
N ASN L 197 13.58 7.29 3.44
CA ASN L 197 13.76 5.92 3.94
C ASN L 197 12.89 5.66 5.17
N ALA L 198 12.40 6.71 5.84
CA ALA L 198 11.53 6.50 6.98
C ALA L 198 10.17 5.95 6.47
N ARG L 199 9.76 6.39 5.29
CA ARG L 199 8.50 5.92 4.70
C ARG L 199 8.65 4.48 4.23
N SER L 200 9.78 4.14 3.59
CA SER L 200 9.92 2.75 3.13
C SER L 200 10.06 1.80 4.31
N GLU L 201 10.76 2.21 5.36
CA GLU L 201 10.90 1.35 6.54
C GLU L 201 9.54 1.20 7.22
N GLY L 202 8.75 2.28 7.28
CA GLY L 202 7.43 2.17 7.88
C GLY L 202 6.52 1.21 7.09
N LEU L 203 6.56 1.30 5.77
CA LEU L 203 5.73 0.44 4.91
C LEU L 203 6.11 -1.01 5.13
N ASN L 204 7.40 -1.30 5.27
CA ASN L 204 7.77 -2.70 5.51
C ASN L 204 7.20 -3.22 6.84
N LEU L 205 7.15 -2.37 7.87
CA LEU L 205 6.59 -2.82 9.16
C LEU L 205 5.10 -3.05 9.01
N VAL L 206 4.45 -2.21 8.20
CA VAL L 206 3.03 -2.37 7.97
C VAL L 206 2.71 -3.67 7.22
N ARG L 207 3.42 -3.86 6.09
CA ARG L 207 3.10 -4.99 5.20
C ARG L 207 3.41 -6.38 5.73
N ASN L 208 4.40 -6.47 6.60
CA ASN L 208 4.85 -7.77 7.10
C ASN L 208 4.48 -8.18 8.50
N ARG L 209 3.64 -7.39 9.15
CA ARG L 209 3.28 -7.70 10.52
C ARG L 209 2.30 -8.85 10.73
N LYS L 210 2.47 -9.51 11.88
CA LYS L 210 1.51 -10.52 12.34
C LYS L 210 1.24 -9.98 13.75
N GLY L 211 0.06 -9.39 13.96
CA GLY L 211 -0.26 -8.83 15.26
C GLY L 211 -0.42 -7.32 15.10
N ARG L 212 -0.55 -6.58 16.21
CA ARG L 212 -0.72 -5.12 16.13
C ARG L 212 0.54 -4.41 15.63
N LEU L 213 0.34 -3.43 14.75
CA LEU L 213 1.45 -2.67 14.21
C LEU L 213 2.12 -1.90 15.35
N PRO L 214 3.47 -1.89 15.38
CA PRO L 214 4.12 -1.13 16.46
C PRO L 214 3.89 0.37 16.19
N HIS L 215 4.25 1.17 17.18
CA HIS L 215 4.26 2.62 16.99
C HIS L 215 5.35 2.82 15.91
N ILE L 216 5.12 3.75 14.98
CA ILE L 216 6.12 4.06 13.95
C ILE L 216 6.26 5.58 13.96
N VAL L 217 7.36 6.09 14.52
CA VAL L 217 7.53 7.54 14.64
C VAL L 217 8.90 8.00 14.18
N VAL L 218 9.05 9.31 13.98
CA VAL L 218 10.33 9.87 13.58
C VAL L 218 10.63 11.02 14.52
N VAL L 219 11.89 11.13 14.95
CA VAL L 219 12.29 12.25 15.82
C VAL L 219 13.34 13.00 15.03
N THR L 220 13.27 14.33 15.01
CA THR L 220 14.25 15.08 14.23
C THR L 220 14.66 16.40 14.86
N ALA L 221 15.86 16.84 14.53
CA ALA L 221 16.33 18.16 14.97
C ALA L 221 16.40 19.15 13.78
N GLU L 222 15.84 18.76 12.63
CA GLU L 222 15.84 19.62 11.43
C GLU L 222 15.16 20.96 11.79
N PRO L 223 15.82 22.08 11.50
CA PRO L 223 15.18 23.36 11.85
C PRO L 223 14.09 23.91 10.94
N THR L 224 14.12 23.55 9.65
CA THR L 224 13.14 24.16 8.74
C THR L 224 11.82 23.40 8.57
N PRO L 225 10.68 24.11 8.68
CA PRO L 225 9.39 23.42 8.49
C PRO L 225 9.31 22.76 7.10
N SER L 226 9.92 23.37 6.08
CA SER L 226 9.88 22.76 4.74
C SER L 226 10.51 21.37 4.74
N ARG L 227 11.70 21.22 5.32
CA ARG L 227 12.34 19.90 5.32
C ARG L 227 11.62 18.92 6.25
N ILE L 228 11.12 19.41 7.37
CA ILE L 228 10.36 18.55 8.28
C ILE L 228 9.13 18.03 7.53
N SER L 229 8.52 18.87 6.71
CA SER L 229 7.32 18.47 5.99
C SER L 229 7.53 17.34 4.98
N SER L 230 8.78 17.18 4.49
CA SER L 230 9.10 16.12 3.54
C SER L 230 8.85 14.73 4.14
N ILE L 231 8.79 14.63 5.47
CA ILE L 231 8.49 13.32 6.10
C ILE L 231 7.22 13.39 6.97
N ALA L 232 6.85 14.59 7.46
CA ALA L 232 5.68 14.67 8.33
C ALA L 232 4.34 14.72 7.59
N LEU L 233 4.31 15.35 6.41
CA LEU L 233 3.03 15.40 5.69
C LEU L 233 2.69 14.06 5.07
N GLY L 234 1.39 13.80 4.97
CA GLY L 234 0.92 12.57 4.41
C GLY L 234 0.67 11.62 5.55
N THR L 235 -0.08 10.56 5.28
CA THR L 235 -0.37 9.56 6.28
C THR L 235 -0.23 8.17 5.67
N GLY L 236 -0.11 7.18 6.53
CA GLY L 236 -0.04 5.81 6.06
C GLY L 236 1.22 5.03 6.41
N GLU L 237 2.34 5.76 6.49
CA GLU L 237 3.62 5.17 6.81
C GLU L 237 4.09 5.56 8.21
N ILE L 238 4.02 6.84 8.50
CA ILE L 238 4.51 7.40 9.76
C ILE L 238 3.37 7.84 10.67
N ASP L 239 3.38 7.39 11.92
CA ASP L 239 2.29 7.78 12.84
C ASP L 239 2.30 9.29 13.11
N CYS L 240 3.49 9.81 13.39
CA CYS L 240 3.69 11.21 13.73
C CYS L 240 5.19 11.50 13.79
N VAL L 241 5.55 12.77 13.65
CA VAL L 241 6.94 13.22 13.76
C VAL L 241 7.05 14.07 15.02
N TYR L 242 8.19 13.97 15.70
CA TYR L 242 8.43 14.70 16.95
C TYR L 242 9.68 15.55 16.79
N HIS L 243 9.56 16.85 17.05
CA HIS L 243 10.68 17.75 16.88
C HIS L 243 11.45 17.91 18.18
N PHE L 244 12.78 18.00 18.09
CA PHE L 244 13.59 18.09 19.29
C PHE L 244 13.42 19.35 20.13
N ALA L 245 12.89 20.42 19.54
CA ALA L 245 12.72 21.70 20.26
C ALA L 245 11.53 22.45 19.63
N LEU L 246 10.35 21.86 19.74
CA LEU L 246 9.18 22.45 19.07
C LEU L 246 8.78 23.83 19.56
N TYR L 247 8.80 24.04 20.89
CA TYR L 247 8.34 25.33 21.42
C TYR L 247 9.26 26.45 20.97
N GLU L 248 10.55 26.14 20.93
CA GLU L 248 11.58 27.10 20.53
C GLU L 248 11.46 27.39 19.03
N LEU L 249 11.21 26.35 18.23
CA LEU L 249 11.02 26.52 16.81
C LEU L 249 9.84 27.48 16.56
N GLU L 250 8.72 27.26 17.24
CA GLU L 250 7.55 28.12 17.05
C GLU L 250 7.89 29.55 17.43
N GLN L 251 8.55 29.72 18.56
CA GLN L 251 8.90 31.07 19.01
C GLN L 251 9.79 31.82 18.03
N ILE L 252 10.81 31.14 17.50
CA ILE L 252 11.72 31.80 16.57
C ILE L 252 11.04 32.10 15.23
N LEU L 253 10.17 31.21 14.76
CA LEU L 253 9.46 31.47 13.51
C LEU L 253 8.64 32.74 13.69
N GLN L 254 8.06 32.90 14.87
CA GLN L 254 7.25 34.09 15.14
C GLN L 254 8.12 35.34 15.19
N SER L 255 9.23 35.26 15.90
CA SER L 255 10.15 36.40 16.04
C SER L 255 10.77 36.88 14.74
N LEU L 256 11.06 35.94 13.84
CA LEU L 256 11.67 36.24 12.54
C LEU L 256 10.65 36.66 11.51
N ASN L 257 9.37 36.47 11.83
CA ASN L 257 8.31 36.75 10.90
C ASN L 257 8.42 36.03 9.58
N TYR L 258 8.77 34.75 9.66
CA TYR L 258 8.85 33.91 8.48
C TYR L 258 7.44 33.36 8.39
N GLU L 259 6.53 34.15 7.81
CA GLU L 259 5.13 33.78 7.72
C GLU L 259 4.78 32.48 7.02
N ASP L 260 5.42 32.19 5.88
CA ASP L 260 5.13 30.97 5.14
C ASP L 260 5.55 29.76 5.95
N ALA L 261 6.73 29.85 6.57
CA ALA L 261 7.25 28.74 7.39
C ALA L 261 6.34 28.53 8.62
N LEU L 262 5.86 29.63 9.21
CA LEU L 262 4.97 29.54 10.39
C LEU L 262 3.65 28.88 9.95
N ASP L 263 3.15 29.24 8.75
CA ASP L 263 1.91 28.65 8.25
C ASP L 263 2.08 27.13 8.11
N LEU L 264 3.19 26.70 7.53
CA LEU L 264 3.45 25.28 7.32
C LEU L 264 3.61 24.56 8.68
N PHE L 265 4.33 25.20 9.61
CA PHE L 265 4.50 24.69 10.97
C PHE L 265 3.09 24.41 11.54
N TYR L 266 2.18 25.38 11.46
CA TYR L 266 0.84 25.16 12.01
C TYR L 266 0.01 24.13 11.25
N ILE L 267 0.21 24.01 9.94
CA ILE L 267 -0.51 22.98 9.20
C ILE L 267 -0.09 21.63 9.80
N MET L 268 1.20 21.46 10.03
CA MET L 268 1.70 20.18 10.57
C MET L 268 1.30 19.94 12.01
N VAL L 269 1.35 20.97 12.84
CA VAL L 269 1.00 20.80 14.25
C VAL L 269 -0.52 20.68 14.46
N ASN L 270 -1.27 21.61 13.90
CA ASN L 270 -2.73 21.52 14.02
C ASN L 270 -3.25 20.28 13.30
N GLY L 271 -2.50 19.81 12.30
CA GLY L 271 -2.86 18.64 11.51
C GLY L 271 -2.37 17.32 12.12
N LYS L 272 -1.88 17.38 13.36
CA LYS L 272 -1.44 16.17 14.08
C LYS L 272 -0.37 15.36 13.34
N ARG L 273 0.56 16.07 12.69
CA ARG L 273 1.66 15.41 11.99
C ARG L 273 2.97 15.73 12.70
N LEU L 274 2.94 16.72 13.58
CA LEU L 274 4.17 17.15 14.26
C LEU L 274 3.91 17.55 15.71
N LYS L 275 4.74 17.03 16.61
CA LYS L 275 4.62 17.31 18.04
C LYS L 275 6.02 17.57 18.62
N ASP L 276 6.12 17.76 19.94
CA ASP L 276 7.40 18.00 20.58
C ASP L 276 7.98 16.67 21.07
N ILE L 277 9.31 16.59 21.22
CA ILE L 277 9.91 15.37 21.75
C ILE L 277 9.23 14.99 23.10
N SER L 278 8.80 15.98 23.90
CA SER L 278 8.18 15.66 25.20
C SER L 278 6.83 14.95 25.08
N ASP L 279 6.23 14.97 23.90
CA ASP L 279 4.95 14.29 23.69
C ASP L 279 5.16 12.81 23.41
N LEU L 280 6.36 12.45 22.94
CA LEU L 280 6.60 11.05 22.57
C LEU L 280 6.40 9.98 23.67
N PRO L 281 6.98 10.15 24.87
CA PRO L 281 6.80 9.12 25.91
C PRO L 281 5.30 8.84 26.19
N LEU L 282 4.50 9.88 26.36
CA LEU L 282 3.06 9.67 26.57
C LEU L 282 2.37 9.06 25.35
N ASP L 283 2.80 9.42 24.13
CA ASP L 283 2.18 8.82 22.95
C ASP L 283 2.52 7.32 22.85
N LEU L 284 3.64 6.92 23.45
CA LEU L 284 4.01 5.49 23.46
C LEU L 284 3.19 4.72 24.52
N ALA L 285 2.36 5.44 25.26
CA ALA L 285 1.55 4.81 26.32
C ALA L 285 0.09 4.60 25.95
N VAL L 286 -0.30 4.91 24.72
CA VAL L 286 -1.71 4.74 24.34
C VAL L 286 -2.14 3.27 24.37
#